data_7RZ3
#
_entry.id   7RZ3
#
_entity_poly.entity_id   1
_entity_poly.type   'polypeptide(L)'
_entity_poly.pdbx_seq_one_letter_code
;SAVLWNQQYDKTVCNQEGEFCSKSGVDCCAGLSCRKYNLMGYGVCAAQTCSEEGTFCSLSDSDCCSGLKCKRRGHGYGEC
SK
;
_entity_poly.pdbx_strand_id   A
#
# COMPACT_ATOMS: atom_id res chain seq x y z
N SER A 1 39.03 17.39 2.04
CA SER A 1 37.72 17.03 2.58
C SER A 1 36.68 16.94 1.47
N ALA A 2 36.87 15.98 0.57
CA ALA A 2 35.94 15.78 -0.55
C ALA A 2 34.61 15.22 -0.05
N VAL A 3 33.52 15.80 -0.55
CA VAL A 3 32.18 15.36 -0.15
C VAL A 3 31.80 14.08 -0.88
N LEU A 4 31.07 13.21 -0.18
CA LEU A 4 30.64 11.94 -0.74
C LEU A 4 29.73 12.16 -1.95
N TRP A 5 29.63 11.15 -2.81
CA TRP A 5 28.78 11.23 -3.99
C TRP A 5 27.31 11.12 -3.62
N ASN A 6 26.46 11.75 -4.42
CA ASN A 6 25.02 11.72 -4.18
C ASN A 6 24.48 10.30 -4.29
N GLN A 7 23.37 10.05 -3.61
CA GLN A 7 22.74 8.72 -3.64
C GLN A 7 21.90 8.55 -4.90
N GLN A 8 21.21 9.61 -5.30
CA GLN A 8 20.37 9.56 -6.49
C GLN A 8 19.99 10.96 -6.94
N TYR A 9 19.75 11.12 -8.24
CA TYR A 9 19.37 12.42 -8.80
C TYR A 9 18.04 12.34 -9.52
N ASP A 10 17.80 11.21 -10.18
CA ASP A 10 16.55 11.00 -10.92
C ASP A 10 15.35 11.24 -10.01
N LYS A 11 14.17 11.40 -10.63
CA LYS A 11 12.94 11.64 -9.89
C LYS A 11 12.71 10.55 -8.85
N THR A 12 11.67 10.71 -8.04
CA THR A 12 11.34 9.75 -7.01
C THR A 12 11.08 8.37 -7.61
N VAL A 13 11.94 7.41 -7.29
CA VAL A 13 11.81 6.06 -7.79
C VAL A 13 11.32 5.11 -6.70
N CYS A 14 10.60 4.07 -7.11
CA CYS A 14 10.07 3.09 -6.17
C CYS A 14 10.68 1.72 -6.42
N ASN A 15 10.41 0.78 -5.51
CA ASN A 15 10.93 -0.58 -5.64
C ASN A 15 9.84 -1.61 -5.31
N GLN A 16 10.02 -2.82 -5.83
CA GLN A 16 9.06 -3.89 -5.58
C GLN A 16 9.19 -4.43 -4.16
N GLU A 17 8.28 -5.31 -3.77
CA GLU A 17 8.28 -5.90 -2.44
C GLU A 17 9.65 -6.50 -2.13
N GLY A 18 10.07 -6.36 -0.87
CA GLY A 18 11.36 -6.89 -0.46
C GLY A 18 12.35 -5.80 -0.10
N GLU A 19 12.22 -4.65 -0.76
CA GLU A 19 13.10 -3.52 -0.51
C GLU A 19 12.94 -3.00 0.92
N PHE A 20 13.98 -2.35 1.43
CA PHE A 20 13.95 -1.80 2.79
C PHE A 20 13.60 -0.31 2.76
N CYS A 21 13.01 0.17 3.85
CA CYS A 21 12.62 1.56 3.96
C CYS A 21 13.45 2.28 5.02
N SER A 22 13.91 3.48 4.67
CA SER A 22 14.73 4.27 5.59
C SER A 22 13.86 5.07 6.54
N LYS A 23 14.49 5.70 7.53
CA LYS A 23 13.78 6.51 8.51
C LYS A 23 13.52 7.92 7.97
N SER A 24 13.95 8.17 6.74
CA SER A 24 13.77 9.47 6.11
C SER A 24 12.31 9.72 5.78
N GLY A 25 11.53 8.64 5.71
CA GLY A 25 10.12 8.76 5.41
C GLY A 25 9.78 8.28 4.01
N VAL A 26 10.58 7.35 3.50
CA VAL A 26 10.37 6.80 2.17
C VAL A 26 9.17 5.87 2.13
N ASP A 27 8.44 5.88 1.02
CA ASP A 27 7.26 5.03 0.87
C ASP A 27 7.45 4.06 -0.29
N CYS A 28 7.10 2.80 -0.05
CA CYS A 28 7.23 1.77 -1.08
C CYS A 28 6.36 2.09 -2.29
N CYS A 29 6.60 1.38 -3.39
CA CYS A 29 5.84 1.59 -4.62
C CYS A 29 4.34 1.44 -4.37
N ALA A 30 3.55 1.83 -5.35
CA ALA A 30 2.09 1.73 -5.25
C ALA A 30 1.66 0.30 -4.98
N GLY A 31 1.03 0.09 -3.82
CA GLY A 31 0.57 -1.24 -3.46
C GLY A 31 1.59 -2.00 -2.62
N LEU A 32 2.44 -1.26 -1.93
CA LEU A 32 3.47 -1.86 -1.08
C LEU A 32 3.51 -1.18 0.29
N SER A 33 3.78 -1.97 1.33
CA SER A 33 3.85 -1.43 2.68
C SER A 33 5.06 -2.01 3.42
N CYS A 34 5.84 -1.13 4.06
CA CYS A 34 7.01 -1.54 4.80
C CYS A 34 6.63 -2.19 6.12
N ARG A 35 6.10 -3.40 6.06
CA ARG A 35 5.69 -4.12 7.25
C ARG A 35 6.81 -4.16 8.28
N LYS A 36 6.55 -3.60 9.45
CA LYS A 36 7.54 -3.57 10.53
C LYS A 36 7.75 -4.96 11.12
N TYR A 37 9.01 -5.35 11.26
CA TYR A 37 9.34 -6.66 11.82
C TYR A 37 10.40 -6.53 12.91
N ASN A 38 11.42 -5.72 12.65
CA ASN A 38 12.49 -5.51 13.62
C ASN A 38 12.00 -4.75 14.85
N LEU A 39 12.91 -4.46 15.76
CA LEU A 39 12.56 -3.74 16.98
C LEU A 39 12.41 -2.25 16.71
N MET A 40 13.36 -1.69 15.96
CA MET A 40 13.33 -0.28 15.62
C MET A 40 12.32 0.00 14.52
N GLY A 41 12.03 -1.02 13.71
CA GLY A 41 11.08 -0.85 12.63
C GLY A 41 11.74 -0.85 11.27
N TYR A 42 12.81 -1.61 11.13
CA TYR A 42 13.55 -1.68 9.86
C TYR A 42 13.02 -2.82 9.00
N GLY A 43 11.71 -2.85 8.79
CA GLY A 43 11.10 -3.88 7.98
C GLY A 43 11.36 -3.68 6.50
N VAL A 44 10.49 -4.25 5.66
CA VAL A 44 10.63 -4.13 4.22
C VAL A 44 9.27 -4.08 3.55
N CYS A 45 9.25 -3.61 2.30
CA CYS A 45 8.01 -3.50 1.54
C CYS A 45 7.29 -4.85 1.49
N ALA A 46 5.98 -4.80 1.29
CA ALA A 46 5.18 -6.02 1.22
C ALA A 46 3.80 -5.74 0.61
N ALA A 47 3.46 -6.47 -0.45
CA ALA A 47 2.18 -6.30 -1.10
C ALA A 47 1.02 -6.38 -0.12
N GLN A 48 0.23 -5.31 -0.05
CA GLN A 48 -0.91 -5.26 0.85
C GLN A 48 -1.79 -6.49 0.70
N THR A 49 -2.58 -6.78 1.73
CA THR A 49 -3.48 -7.93 1.70
C THR A 49 -4.94 -7.50 1.68
N CYS A 50 -5.23 -6.39 2.34
CA CYS A 50 -6.59 -5.86 2.40
C CYS A 50 -7.07 -5.46 1.01
N SER A 51 -8.37 -5.56 0.79
CA SER A 51 -8.97 -5.20 -0.50
C SER A 51 -8.98 -3.70 -0.69
N GLU A 52 -8.83 -3.27 -1.94
CA GLU A 52 -8.82 -1.84 -2.26
C GLU A 52 -10.24 -1.29 -2.32
N GLU A 53 -10.36 0.04 -2.34
CA GLU A 53 -11.66 0.68 -2.39
C GLU A 53 -12.26 0.60 -3.80
N GLY A 54 -13.46 0.05 -3.89
CA GLY A 54 -14.12 -0.07 -5.18
C GLY A 54 -14.11 -1.50 -5.70
N THR A 55 -13.18 -2.31 -5.20
CA THR A 55 -13.06 -3.70 -5.62
C THR A 55 -14.13 -4.56 -4.97
N PHE A 56 -14.60 -5.56 -5.69
CA PHE A 56 -15.63 -6.46 -5.18
C PHE A 56 -15.14 -7.22 -3.95
N CYS A 57 -15.96 -7.26 -2.92
CA CYS A 57 -15.61 -7.94 -1.67
C CYS A 57 -16.79 -8.77 -1.16
N SER A 58 -16.55 -9.51 -0.08
CA SER A 58 -17.59 -10.35 0.51
C SER A 58 -18.41 -9.56 1.53
N LEU A 59 -19.67 -9.29 1.19
CA LEU A 59 -20.56 -8.55 2.08
C LEU A 59 -20.77 -9.30 3.38
N SER A 60 -20.71 -10.62 3.33
CA SER A 60 -20.90 -11.45 4.51
C SER A 60 -19.75 -11.26 5.50
N ASP A 61 -18.58 -10.91 4.97
CA ASP A 61 -17.40 -10.69 5.80
C ASP A 61 -16.47 -9.66 5.18
N SER A 62 -16.51 -8.45 5.71
CA SER A 62 -15.67 -7.37 5.19
C SER A 62 -14.21 -7.81 5.10
N ASP A 63 -13.57 -7.50 3.98
CA ASP A 63 -12.18 -7.86 3.77
C ASP A 63 -11.42 -6.72 3.10
N CYS A 64 -11.80 -5.49 3.43
CA CYS A 64 -11.15 -4.31 2.86
C CYS A 64 -10.23 -3.65 3.88
N CYS A 65 -9.48 -2.65 3.42
CA CYS A 65 -8.55 -1.94 4.30
C CYS A 65 -9.30 -1.14 5.35
N SER A 66 -8.56 -0.47 6.23
CA SER A 66 -9.16 0.34 7.28
C SER A 66 -9.86 1.57 6.70
N GLY A 67 -11.18 1.60 6.83
CA GLY A 67 -11.94 2.73 6.31
C GLY A 67 -12.73 2.37 5.08
N LEU A 68 -12.95 1.07 4.87
CA LEU A 68 -13.71 0.60 3.72
C LEU A 68 -14.81 -0.36 4.14
N LYS A 69 -16.02 -0.15 3.64
CA LYS A 69 -17.15 -1.00 3.96
C LYS A 69 -17.75 -1.61 2.69
N CYS A 70 -17.90 -2.94 2.70
CA CYS A 70 -18.46 -3.65 1.56
C CYS A 70 -19.94 -3.32 1.38
N LYS A 71 -20.24 -2.48 0.40
CA LYS A 71 -21.62 -2.08 0.12
C LYS A 71 -22.19 -2.88 -1.04
N ARG A 72 -23.18 -3.71 -0.75
CA ARG A 72 -23.82 -4.53 -1.78
C ARG A 72 -24.17 -3.69 -3.00
N ARG A 73 -23.72 -4.13 -4.16
CA ARG A 73 -23.99 -3.42 -5.41
C ARG A 73 -24.35 -4.39 -6.53
N GLY A 74 -25.64 -4.73 -6.62
CA GLY A 74 -26.09 -5.66 -7.64
C GLY A 74 -27.16 -6.59 -7.14
N HIS A 75 -26.78 -7.83 -6.86
CA HIS A 75 -27.72 -8.84 -6.38
C HIS A 75 -27.00 -9.92 -5.57
N GLY A 76 -26.53 -9.55 -4.38
CA GLY A 76 -25.83 -10.50 -3.54
C GLY A 76 -24.32 -10.34 -3.62
N TYR A 77 -23.87 -9.20 -4.15
CA TYR A 77 -22.45 -8.93 -4.27
C TYR A 77 -22.17 -7.43 -4.25
N GLY A 78 -21.11 -7.03 -3.56
CA GLY A 78 -20.75 -5.63 -3.48
C GLY A 78 -19.26 -5.41 -3.49
N GLU A 79 -18.85 -4.15 -3.43
CA GLU A 79 -17.43 -3.80 -3.44
C GLU A 79 -17.10 -2.85 -2.28
N CYS A 80 -15.80 -2.67 -2.03
CA CYS A 80 -15.35 -1.79 -0.96
C CYS A 80 -15.76 -0.35 -1.23
N SER A 81 -16.09 0.37 -0.17
CA SER A 81 -16.49 1.77 -0.29
C SER A 81 -16.00 2.59 0.89
N LYS A 82 -15.43 3.75 0.61
CA LYS A 82 -14.91 4.62 1.65
C LYS A 82 -16.03 5.10 2.56
N SER A 1 32.87 20.92 3.47
CA SER A 1 31.61 20.19 3.36
C SER A 1 30.61 20.98 2.51
N ALA A 2 30.12 20.34 1.45
CA ALA A 2 29.16 20.98 0.57
C ALA A 2 27.73 20.73 1.03
N VAL A 3 26.80 21.52 0.52
CA VAL A 3 25.39 21.38 0.87
C VAL A 3 24.80 20.10 0.30
N LEU A 4 23.93 19.46 1.07
CA LEU A 4 23.30 18.22 0.64
C LEU A 4 22.39 18.47 -0.56
N TRP A 5 22.35 17.51 -1.48
CA TRP A 5 21.53 17.63 -2.68
C TRP A 5 20.06 17.35 -2.35
N ASN A 6 19.17 17.79 -3.23
CA ASN A 6 17.74 17.60 -3.03
C ASN A 6 17.43 16.12 -2.77
N GLN A 7 16.36 15.87 -2.02
CA GLN A 7 15.96 14.50 -1.70
C GLN A 7 15.85 13.66 -2.96
N GLN A 8 15.17 14.20 -3.97
CA GLN A 8 14.98 13.50 -5.23
C GLN A 8 14.46 14.45 -6.31
N TYR A 9 14.88 14.22 -7.54
CA TYR A 9 14.45 15.05 -8.67
C TYR A 9 13.81 14.21 -9.76
N ASP A 10 14.35 13.01 -9.96
CA ASP A 10 13.83 12.10 -10.97
C ASP A 10 12.35 11.80 -10.73
N LYS A 11 11.68 11.25 -11.74
CA LYS A 11 10.27 10.91 -11.63
C LYS A 11 10.01 10.02 -10.43
N THR A 12 8.74 9.75 -10.15
CA THR A 12 8.36 8.92 -9.03
C THR A 12 9.01 7.54 -9.11
N VAL A 13 9.89 7.24 -8.17
CA VAL A 13 10.59 5.96 -8.14
C VAL A 13 10.05 5.07 -7.03
N CYS A 14 10.10 3.76 -7.25
CA CYS A 14 9.62 2.80 -6.27
C CYS A 14 10.28 1.44 -6.47
N ASN A 15 10.04 0.52 -5.54
CA ASN A 15 10.62 -0.81 -5.61
C ASN A 15 9.59 -1.87 -5.20
N GLN A 16 9.69 -3.04 -5.81
CA GLN A 16 8.77 -4.13 -5.51
C GLN A 16 8.97 -4.65 -4.09
N GLU A 17 8.06 -5.50 -3.63
CA GLU A 17 8.14 -6.06 -2.29
C GLU A 17 9.52 -6.66 -2.03
N GLY A 18 10.01 -6.49 -0.81
CA GLY A 18 11.32 -7.04 -0.46
C GLY A 18 12.36 -5.95 -0.23
N GLU A 19 12.20 -4.84 -0.93
CA GLU A 19 13.14 -3.72 -0.79
C GLU A 19 12.95 -3.02 0.56
N PHE A 20 14.00 -2.32 1.00
CA PHE A 20 13.96 -1.60 2.27
C PHE A 20 13.56 -0.15 2.07
N CYS A 21 13.08 0.48 3.13
CA CYS A 21 12.66 1.88 3.07
C CYS A 21 13.44 2.72 4.08
N SER A 22 13.97 3.85 3.61
CA SER A 22 14.74 4.74 4.48
C SER A 22 13.88 5.25 5.63
N LYS A 23 14.53 5.84 6.63
CA LYS A 23 13.82 6.37 7.78
C LYS A 23 13.29 7.78 7.50
N SER A 24 13.51 8.26 6.28
CA SER A 24 13.05 9.58 5.89
C SER A 24 11.53 9.62 5.75
N GLY A 25 10.94 8.44 5.61
CA GLY A 25 9.49 8.35 5.48
C GLY A 25 9.05 8.00 4.07
N VAL A 26 9.92 7.29 3.35
CA VAL A 26 9.62 6.89 1.98
C VAL A 26 8.46 5.90 1.93
N ASP A 27 7.72 5.92 0.83
CA ASP A 27 6.59 5.02 0.66
C ASP A 27 6.83 4.05 -0.49
N CYS A 28 6.70 2.76 -0.20
CA CYS A 28 6.90 1.72 -1.20
C CYS A 28 5.96 1.92 -2.38
N CYS A 29 6.24 1.20 -3.47
CA CYS A 29 5.41 1.30 -4.68
C CYS A 29 3.94 1.10 -4.34
N ALA A 30 3.08 1.37 -5.32
CA ALA A 30 1.64 1.23 -5.13
C ALA A 30 1.28 -0.19 -4.72
N GLY A 31 0.67 -0.33 -3.55
CA GLY A 31 0.30 -1.64 -3.06
C GLY A 31 1.39 -2.31 -2.25
N LEU A 32 2.26 -1.49 -1.66
CA LEU A 32 3.36 -2.00 -0.85
C LEU A 32 3.48 -1.24 0.46
N SER A 33 3.83 -1.95 1.53
CA SER A 33 3.98 -1.33 2.84
C SER A 33 5.16 -1.93 3.59
N CYS A 34 5.92 -1.07 4.27
CA CYS A 34 7.08 -1.52 5.03
C CYS A 34 6.65 -2.37 6.23
N ARG A 35 6.53 -3.68 6.01
CA ARG A 35 6.13 -4.59 7.07
C ARG A 35 7.34 -5.21 7.75
N LYS A 36 7.40 -5.08 9.07
CA LYS A 36 8.52 -5.62 9.83
C LYS A 36 8.71 -7.11 9.54
N TYR A 37 9.80 -7.43 8.86
CA TYR A 37 10.09 -8.82 8.51
C TYR A 37 11.52 -9.18 8.90
N ASN A 38 12.44 -8.25 8.70
CA ASN A 38 13.85 -8.47 9.02
C ASN A 38 14.00 -8.95 10.46
N LEU A 39 15.19 -9.43 10.79
CA LEU A 39 15.47 -9.91 12.14
C LEU A 39 15.73 -8.76 13.10
N MET A 40 16.53 -7.80 12.66
CA MET A 40 16.85 -6.64 13.48
C MET A 40 15.68 -5.66 13.52
N GLY A 41 14.84 -5.70 12.48
CA GLY A 41 13.70 -4.81 12.43
C GLY A 41 13.90 -3.65 11.46
N TYR A 42 14.64 -3.92 10.38
CA TYR A 42 14.92 -2.89 9.38
C TYR A 42 13.64 -2.47 8.68
N GLY A 43 12.79 -3.44 8.36
CA GLY A 43 11.54 -3.14 7.69
C GLY A 43 11.68 -3.12 6.18
N VAL A 44 10.82 -3.88 5.50
CA VAL A 44 10.87 -3.95 4.04
C VAL A 44 9.46 -3.93 3.45
N CYS A 45 9.36 -3.55 2.18
CA CYS A 45 8.07 -3.50 1.50
C CYS A 45 7.36 -4.84 1.58
N ALA A 46 6.03 -4.80 1.48
CA ALA A 46 5.22 -6.01 1.54
C ALA A 46 3.83 -5.77 0.97
N ALA A 47 3.46 -6.57 -0.02
CA ALA A 47 2.16 -6.45 -0.65
C ALA A 47 1.04 -6.54 0.37
N GLN A 48 0.27 -5.46 0.50
CA GLN A 48 -0.83 -5.41 1.46
C GLN A 48 -1.74 -6.62 1.29
N THR A 49 -2.59 -6.86 2.29
CA THR A 49 -3.51 -7.98 2.25
C THR A 49 -4.96 -7.51 2.20
N CYS A 50 -5.23 -6.39 2.86
CA CYS A 50 -6.57 -5.82 2.89
C CYS A 50 -7.01 -5.38 1.50
N SER A 51 -8.30 -5.52 1.21
CA SER A 51 -8.84 -5.14 -0.09
C SER A 51 -8.85 -3.62 -0.24
N GLU A 52 -8.60 -3.15 -1.46
CA GLU A 52 -8.58 -1.73 -1.75
C GLU A 52 -10.00 -1.18 -1.86
N GLU A 53 -10.12 0.15 -1.84
CA GLU A 53 -11.43 0.80 -1.94
C GLU A 53 -11.94 0.77 -3.37
N GLY A 54 -13.14 0.22 -3.55
CA GLY A 54 -13.72 0.13 -4.88
C GLY A 54 -13.69 -1.26 -5.44
N THR A 55 -12.78 -2.09 -4.92
CA THR A 55 -12.65 -3.47 -5.39
C THR A 55 -13.76 -4.35 -4.80
N PHE A 56 -14.18 -5.34 -5.58
CA PHE A 56 -15.23 -6.26 -5.14
C PHE A 56 -14.79 -7.04 -3.91
N CYS A 57 -15.69 -7.16 -2.93
CA CYS A 57 -15.40 -7.87 -1.70
C CYS A 57 -16.60 -8.71 -1.26
N SER A 58 -16.42 -9.48 -0.19
CA SER A 58 -17.49 -10.32 0.33
C SER A 58 -18.34 -9.56 1.33
N LEU A 59 -19.59 -9.28 0.94
CA LEU A 59 -20.51 -8.55 1.81
C LEU A 59 -20.78 -9.33 3.08
N SER A 60 -20.73 -10.66 2.99
CA SER A 60 -20.98 -11.52 4.14
C SER A 60 -19.87 -11.36 5.18
N ASP A 61 -18.68 -11.01 4.72
CA ASP A 61 -17.54 -10.83 5.61
C ASP A 61 -16.58 -9.78 5.06
N SER A 62 -16.67 -8.56 5.57
CA SER A 62 -15.82 -7.47 5.13
C SER A 62 -14.35 -7.89 5.16
N ASP A 63 -13.64 -7.57 4.08
CA ASP A 63 -12.22 -7.91 3.98
C ASP A 63 -11.43 -6.76 3.36
N CYS A 64 -11.84 -5.54 3.67
CA CYS A 64 -11.18 -4.35 3.15
C CYS A 64 -10.29 -3.71 4.21
N CYS A 65 -9.51 -2.71 3.81
CA CYS A 65 -8.63 -2.01 4.73
C CYS A 65 -9.42 -1.26 5.79
N SER A 66 -8.71 -0.60 6.70
CA SER A 66 -9.35 0.16 7.77
C SER A 66 -10.03 1.40 7.22
N GLY A 67 -11.35 1.43 7.30
CA GLY A 67 -12.11 2.57 6.80
C GLY A 67 -12.86 2.25 5.53
N LEU A 68 -13.05 0.97 5.25
CA LEU A 68 -13.77 0.53 4.06
C LEU A 68 -14.88 -0.45 4.42
N LYS A 69 -16.05 -0.23 3.83
CA LYS A 69 -17.21 -1.09 4.08
C LYS A 69 -17.75 -1.66 2.77
N CYS A 70 -17.86 -2.99 2.71
CA CYS A 70 -18.36 -3.66 1.52
C CYS A 70 -19.84 -3.31 1.29
N LYS A 71 -20.10 -2.44 0.32
CA LYS A 71 -21.46 -2.03 0.00
C LYS A 71 -21.99 -2.78 -1.21
N ARG A 72 -22.99 -3.62 -0.99
CA ARG A 72 -23.58 -4.41 -2.07
C ARG A 72 -23.87 -3.53 -3.29
N ARG A 73 -23.33 -3.92 -4.44
CA ARG A 73 -23.53 -3.16 -5.67
C ARG A 73 -23.86 -4.10 -6.84
N GLY A 74 -25.14 -4.40 -7.00
CA GLY A 74 -25.55 -5.29 -8.08
C GLY A 74 -26.64 -6.26 -7.65
N HIS A 75 -26.24 -7.48 -7.33
CA HIS A 75 -27.20 -8.50 -6.90
C HIS A 75 -26.50 -9.61 -6.11
N GLY A 76 -26.21 -9.33 -4.85
CA GLY A 76 -25.54 -10.31 -4.01
C GLY A 76 -24.03 -10.16 -4.03
N TYR A 77 -23.56 -9.01 -4.51
CA TYR A 77 -22.13 -8.74 -4.59
C TYR A 77 -21.85 -7.24 -4.53
N GLY A 78 -20.82 -6.86 -3.79
CA GLY A 78 -20.46 -5.46 -3.66
C GLY A 78 -18.97 -5.25 -3.59
N GLU A 79 -18.55 -3.99 -3.48
CA GLU A 79 -17.13 -3.66 -3.40
C GLU A 79 -16.85 -2.75 -2.21
N CYS A 80 -15.58 -2.58 -1.90
CA CYS A 80 -15.17 -1.73 -0.77
C CYS A 80 -15.56 -0.27 -1.03
N SER A 81 -15.97 0.41 0.04
CA SER A 81 -16.37 1.81 -0.06
C SER A 81 -15.94 2.59 1.19
N LYS A 82 -15.41 3.79 0.97
CA LYS A 82 -14.96 4.63 2.06
C LYS A 82 -16.13 5.06 2.94
N SER A 1 25.19 31.16 -7.07
CA SER A 1 25.97 30.10 -6.45
C SER A 1 25.44 28.73 -6.86
N ALA A 2 26.35 27.81 -7.17
CA ALA A 2 25.97 26.47 -7.58
C ALA A 2 25.18 25.76 -6.48
N VAL A 3 23.99 25.28 -6.83
CA VAL A 3 23.13 24.60 -5.88
C VAL A 3 23.61 23.17 -5.64
N LEU A 4 23.44 22.68 -4.41
CA LEU A 4 23.86 21.33 -4.05
C LEU A 4 23.26 20.31 -5.00
N TRP A 5 24.06 19.33 -5.39
CA TRP A 5 23.60 18.28 -6.30
C TRP A 5 22.30 17.66 -5.80
N ASN A 6 21.37 17.43 -6.73
CA ASN A 6 20.08 16.85 -6.38
C ASN A 6 20.22 15.36 -6.08
N GLN A 7 19.28 14.83 -5.32
CA GLN A 7 19.30 13.42 -4.94
C GLN A 7 18.78 12.55 -6.09
N GLN A 8 17.75 13.03 -6.77
CA GLN A 8 17.16 12.30 -7.88
C GLN A 8 16.45 13.24 -8.85
N TYR A 9 16.51 12.92 -10.13
CA TYR A 9 15.87 13.74 -11.16
C TYR A 9 14.85 12.93 -11.96
N ASP A 10 15.18 11.66 -12.19
CA ASP A 10 14.30 10.79 -12.94
C ASP A 10 12.89 10.77 -12.34
N LYS A 11 11.93 10.27 -13.11
CA LYS A 11 10.55 10.20 -12.64
C LYS A 11 10.45 9.44 -11.33
N THR A 12 9.24 9.40 -10.77
CA THR A 12 9.01 8.70 -9.51
C THR A 12 9.36 7.22 -9.63
N VAL A 13 10.39 6.80 -8.90
CA VAL A 13 10.84 5.41 -8.92
C VAL A 13 10.36 4.66 -7.68
N CYS A 14 10.13 3.36 -7.83
CA CYS A 14 9.67 2.53 -6.73
C CYS A 14 10.39 1.18 -6.72
N ASN A 15 10.17 0.40 -5.68
CA ASN A 15 10.80 -0.91 -5.55
C ASN A 15 9.76 -1.97 -5.19
N GLN A 16 10.01 -3.21 -5.62
CA GLN A 16 9.10 -4.31 -5.33
C GLN A 16 9.24 -4.77 -3.88
N GLU A 17 8.32 -5.62 -3.45
CA GLU A 17 8.34 -6.13 -2.09
C GLU A 17 9.71 -6.72 -1.75
N GLY A 18 10.16 -6.48 -0.51
CA GLY A 18 11.45 -6.99 -0.08
C GLY A 18 12.45 -5.88 0.15
N GLU A 19 12.32 -4.79 -0.59
CA GLU A 19 13.24 -3.66 -0.46
C GLU A 19 12.97 -2.91 0.84
N PHE A 20 14.01 -2.26 1.37
CA PHE A 20 13.91 -1.51 2.60
C PHE A 20 13.52 -0.06 2.33
N CYS A 21 13.02 0.62 3.36
CA CYS A 21 12.60 2.01 3.22
C CYS A 21 13.30 2.89 4.26
N SER A 22 13.89 3.98 3.80
CA SER A 22 14.59 4.90 4.68
C SER A 22 13.65 5.47 5.74
N LYS A 23 14.23 6.14 6.74
CA LYS A 23 13.43 6.73 7.82
C LYS A 23 12.91 8.11 7.41
N SER A 24 13.21 8.51 6.18
CA SER A 24 12.78 9.80 5.66
C SER A 24 11.27 9.80 5.43
N GLY A 25 10.69 8.61 5.32
CA GLY A 25 9.26 8.50 5.08
C GLY A 25 8.93 8.07 3.67
N VAL A 26 9.85 7.33 3.05
CA VAL A 26 9.66 6.85 1.69
C VAL A 26 8.47 5.90 1.60
N ASP A 27 7.82 5.88 0.44
CA ASP A 27 6.66 5.02 0.23
C ASP A 27 6.95 3.97 -0.84
N CYS A 28 6.72 2.70 -0.51
CA CYS A 28 6.96 1.61 -1.44
C CYS A 28 6.05 1.73 -2.66
N CYS A 29 6.36 0.95 -3.70
CA CYS A 29 5.58 0.97 -4.92
C CYS A 29 4.10 0.79 -4.63
N ALA A 30 3.26 1.01 -5.64
CA ALA A 30 1.82 0.88 -5.50
C ALA A 30 1.45 -0.53 -5.03
N GLY A 31 0.82 -0.61 -3.86
CA GLY A 31 0.42 -1.90 -3.32
C GLY A 31 1.49 -2.51 -2.45
N LEU A 32 2.34 -1.67 -1.86
CA LEU A 32 3.40 -2.13 -0.98
C LEU A 32 3.46 -1.31 0.30
N SER A 33 3.80 -1.97 1.40
CA SER A 33 3.89 -1.30 2.69
C SER A 33 5.06 -1.85 3.51
N CYS A 34 5.77 -0.96 4.20
CA CYS A 34 6.90 -1.36 5.02
C CYS A 34 6.44 -2.13 6.25
N ARG A 35 6.23 -3.44 6.08
CA ARG A 35 5.79 -4.29 7.18
C ARG A 35 6.97 -4.72 8.04
N LYS A 36 6.68 -5.20 9.25
CA LYS A 36 7.71 -5.64 10.17
C LYS A 36 8.15 -7.06 9.85
N TYR A 37 8.84 -7.22 8.72
CA TYR A 37 9.32 -8.53 8.29
C TYR A 37 10.83 -8.53 8.12
N ASN A 38 11.55 -8.70 9.23
CA ASN A 38 13.00 -8.70 9.21
C ASN A 38 13.56 -9.33 10.48
N LEU A 39 14.89 -9.40 10.56
CA LEU A 39 15.55 -9.97 11.73
C LEU A 39 15.50 -9.01 12.91
N MET A 40 15.79 -7.73 12.64
CA MET A 40 15.78 -6.71 13.67
C MET A 40 14.52 -5.86 13.58
N GLY A 41 13.93 -5.79 12.38
CA GLY A 41 12.74 -5.01 12.19
C GLY A 41 13.00 -3.69 11.47
N TYR A 42 13.98 -3.71 10.58
CA TYR A 42 14.34 -2.51 9.82
C TYR A 42 13.13 -1.96 9.07
N GLY A 43 12.31 -2.86 8.52
CA GLY A 43 11.13 -2.44 7.79
C GLY A 43 11.31 -2.55 6.28
N VAL A 44 10.67 -3.54 5.69
CA VAL A 44 10.77 -3.75 4.24
C VAL A 44 9.38 -3.80 3.60
N CYS A 45 9.33 -3.45 2.32
CA CYS A 45 8.07 -3.45 1.58
C CYS A 45 7.37 -4.80 1.69
N ALA A 46 6.05 -4.80 1.53
CA ALA A 46 5.27 -6.02 1.61
C ALA A 46 3.89 -5.84 1.00
N ALA A 47 3.55 -6.66 0.02
CA ALA A 47 2.26 -6.58 -0.64
C ALA A 47 1.11 -6.69 0.37
N GLN A 48 0.33 -5.63 0.49
CA GLN A 48 -0.79 -5.60 1.42
C GLN A 48 -1.73 -6.79 1.17
N THR A 49 -2.57 -7.08 2.16
CA THR A 49 -3.52 -8.19 2.04
C THR A 49 -4.95 -7.69 2.02
N CYS A 50 -5.21 -6.60 2.74
CA CYS A 50 -6.54 -6.02 2.80
C CYS A 50 -6.97 -5.50 1.43
N SER A 51 -8.26 -5.60 1.15
CA SER A 51 -8.80 -5.14 -0.13
C SER A 51 -8.81 -3.62 -0.20
N GLU A 52 -8.57 -3.08 -1.39
CA GLU A 52 -8.56 -1.64 -1.59
C GLU A 52 -9.98 -1.09 -1.68
N GLU A 53 -10.10 0.23 -1.64
CA GLU A 53 -11.40 0.88 -1.71
C GLU A 53 -11.94 0.88 -3.14
N GLY A 54 -13.15 0.36 -3.31
CA GLY A 54 -13.75 0.30 -4.63
C GLY A 54 -13.70 -1.09 -5.23
N THR A 55 -12.77 -1.90 -4.75
CA THR A 55 -12.62 -3.27 -5.24
C THR A 55 -13.72 -4.17 -4.71
N PHE A 56 -14.18 -5.11 -5.54
CA PHE A 56 -15.23 -6.04 -5.15
C PHE A 56 -14.79 -6.87 -3.95
N CYS A 57 -15.70 -7.04 -2.99
CA CYS A 57 -15.41 -7.82 -1.79
C CYS A 57 -16.63 -8.66 -1.39
N SER A 58 -16.45 -9.47 -0.35
CA SER A 58 -17.52 -10.32 0.13
C SER A 58 -18.37 -9.59 1.18
N LEU A 59 -19.61 -9.28 0.80
CA LEU A 59 -20.52 -8.58 1.70
C LEU A 59 -20.80 -9.41 2.96
N SER A 60 -20.75 -10.73 2.80
CA SER A 60 -21.00 -11.64 3.91
C SER A 60 -19.88 -11.54 4.95
N ASP A 61 -18.69 -11.19 4.49
CA ASP A 61 -17.53 -11.06 5.38
C ASP A 61 -16.57 -10.00 4.86
N SER A 62 -16.64 -8.81 5.44
CA SER A 62 -15.78 -7.71 5.03
C SER A 62 -14.31 -8.14 5.01
N ASP A 63 -13.60 -7.77 3.94
CA ASP A 63 -12.20 -8.13 3.80
C ASP A 63 -11.40 -6.95 3.24
N CYS A 64 -11.79 -5.75 3.63
CA CYS A 64 -11.11 -4.53 3.17
C CYS A 64 -10.22 -3.96 4.27
N CYS A 65 -9.45 -2.94 3.92
CA CYS A 65 -8.55 -2.29 4.87
C CYS A 65 -9.35 -1.59 5.97
N SER A 66 -8.63 -0.99 6.92
CA SER A 66 -9.27 -0.28 8.02
C SER A 66 -9.94 0.99 7.53
N GLY A 67 -11.27 1.01 7.61
CA GLY A 67 -12.03 2.17 7.17
C GLY A 67 -12.76 1.93 5.87
N LEU A 68 -12.95 0.66 5.53
CA LEU A 68 -13.63 0.29 4.30
C LEU A 68 -14.74 -0.71 4.57
N LYS A 69 -15.94 -0.42 4.08
CA LYS A 69 -17.08 -1.30 4.26
C LYS A 69 -17.61 -1.80 2.93
N CYS A 70 -17.85 -3.11 2.83
CA CYS A 70 -18.36 -3.71 1.60
C CYS A 70 -19.82 -3.35 1.40
N LYS A 71 -20.07 -2.42 0.47
CA LYS A 71 -21.44 -1.98 0.17
C LYS A 71 -21.97 -2.70 -1.07
N ARG A 72 -22.98 -3.53 -0.87
CA ARG A 72 -23.58 -4.27 -1.98
C ARG A 72 -23.87 -3.35 -3.16
N ARG A 73 -23.34 -3.71 -4.33
CA ARG A 73 -23.53 -2.91 -5.53
C ARG A 73 -23.91 -3.80 -6.71
N GLY A 74 -25.21 -4.06 -6.86
CA GLY A 74 -25.66 -4.90 -7.96
C GLY A 74 -26.77 -5.85 -7.53
N HIS A 75 -26.42 -7.11 -7.32
CA HIS A 75 -27.38 -8.11 -6.91
C HIS A 75 -26.70 -9.28 -6.19
N GLY A 76 -26.26 -9.03 -4.96
CA GLY A 76 -25.59 -10.06 -4.19
C GLY A 76 -24.08 -9.92 -4.23
N TYR A 77 -23.60 -8.76 -4.65
CA TYR A 77 -22.18 -8.50 -4.74
C TYR A 77 -21.87 -7.01 -4.61
N GLY A 78 -20.84 -6.69 -3.84
CA GLY A 78 -20.47 -5.30 -3.64
C GLY A 78 -18.97 -5.11 -3.54
N GLU A 79 -18.54 -3.86 -3.41
CA GLU A 79 -17.12 -3.54 -3.31
C GLU A 79 -16.84 -2.67 -2.08
N CYS A 80 -15.56 -2.50 -1.77
CA CYS A 80 -15.15 -1.69 -0.62
C CYS A 80 -15.55 -0.23 -0.82
N SER A 81 -15.90 0.44 0.27
CA SER A 81 -16.30 1.84 0.20
C SER A 81 -15.83 2.60 1.44
N LYS A 82 -15.20 3.75 1.23
CA LYS A 82 -14.70 4.57 2.32
C LYS A 82 -15.84 5.00 3.25
N SER A 1 37.38 16.86 -15.01
CA SER A 1 36.99 16.32 -13.71
C SER A 1 35.67 15.55 -13.83
N ALA A 2 35.56 14.47 -13.07
CA ALA A 2 34.35 13.64 -13.09
C ALA A 2 33.34 14.13 -12.05
N VAL A 3 32.08 14.27 -12.47
CA VAL A 3 31.03 14.72 -11.57
C VAL A 3 30.68 13.65 -10.54
N LEU A 4 30.27 14.10 -9.35
CA LEU A 4 29.91 13.18 -8.28
C LEU A 4 28.69 12.35 -8.66
N TRP A 5 28.80 11.04 -8.49
CA TRP A 5 27.71 10.13 -8.82
C TRP A 5 26.41 10.59 -8.16
N ASN A 6 25.33 10.56 -8.93
CA ASN A 6 24.02 10.97 -8.42
C ASN A 6 23.22 9.77 -7.94
N GLN A 7 22.42 9.96 -6.90
CA GLN A 7 21.60 8.88 -6.34
C GLN A 7 20.77 8.22 -7.44
N GLN A 8 20.20 9.04 -8.33
CA GLN A 8 19.39 8.53 -9.42
C GLN A 8 19.13 9.61 -10.47
N TYR A 9 18.87 9.19 -11.69
CA TYR A 9 18.62 10.13 -12.79
C TYR A 9 17.13 10.41 -12.91
N ASP A 10 16.32 9.36 -12.87
CA ASP A 10 14.88 9.50 -12.99
C ASP A 10 14.25 9.79 -11.63
N LYS A 11 13.00 10.25 -11.65
CA LYS A 11 12.29 10.57 -10.42
C LYS A 11 12.29 9.38 -9.47
N THR A 12 11.76 9.59 -8.26
CA THR A 12 11.69 8.54 -7.26
C THR A 12 10.98 7.30 -7.79
N VAL A 13 11.73 6.21 -7.93
CA VAL A 13 11.18 4.96 -8.43
C VAL A 13 10.78 4.03 -7.29
N CYS A 14 9.79 3.18 -7.54
CA CYS A 14 9.31 2.24 -6.53
C CYS A 14 9.93 0.86 -6.75
N ASN A 15 9.69 -0.04 -5.79
CA ASN A 15 10.23 -1.39 -5.88
C ASN A 15 9.22 -2.40 -5.32
N GLN A 16 9.49 -3.68 -5.56
CA GLN A 16 8.61 -4.74 -5.08
C GLN A 16 8.90 -5.07 -3.62
N GLU A 17 8.08 -5.94 -3.05
CA GLU A 17 8.24 -6.33 -1.65
C GLU A 17 9.67 -6.81 -1.39
N GLY A 18 10.18 -6.47 -0.21
CA GLY A 18 11.53 -6.87 0.16
C GLY A 18 12.47 -5.69 0.26
N GLU A 19 12.20 -4.65 -0.52
CA GLU A 19 13.04 -3.45 -0.51
C GLU A 19 12.84 -2.65 0.78
N PHE A 20 13.81 -1.83 1.12
CA PHE A 20 13.74 -1.02 2.32
C PHE A 20 13.26 0.40 2.00
N CYS A 21 12.52 0.99 2.93
CA CYS A 21 12.00 2.34 2.74
C CYS A 21 13.01 3.39 3.19
N SER A 22 13.12 4.47 2.43
CA SER A 22 14.05 5.55 2.75
C SER A 22 13.72 6.17 4.11
N LYS A 23 14.74 6.70 4.77
CA LYS A 23 14.55 7.33 6.07
C LYS A 23 13.70 8.59 5.96
N SER A 24 13.62 9.14 4.75
CA SER A 24 12.84 10.34 4.51
C SER A 24 11.35 10.06 4.64
N GLY A 25 10.98 8.78 4.56
CA GLY A 25 9.59 8.40 4.68
C GLY A 25 9.00 7.96 3.36
N VAL A 26 9.85 7.41 2.48
CA VAL A 26 9.39 6.95 1.17
C VAL A 26 8.39 5.82 1.31
N ASP A 27 7.41 5.80 0.41
CA ASP A 27 6.37 4.77 0.43
C ASP A 27 6.61 3.76 -0.70
N CYS A 28 6.54 2.48 -0.36
CA CYS A 28 6.74 1.41 -1.34
C CYS A 28 5.76 1.55 -2.49
N CYS A 29 6.02 0.81 -3.57
CA CYS A 29 5.15 0.84 -4.75
C CYS A 29 3.69 0.62 -4.37
N ALA A 30 2.80 0.81 -5.32
CA ALA A 30 1.37 0.62 -5.10
C ALA A 30 1.07 -0.83 -4.69
N GLY A 31 0.59 -1.00 -3.47
CA GLY A 31 0.27 -2.33 -2.98
C GLY A 31 1.33 -2.88 -2.05
N LEU A 32 2.16 -1.99 -1.51
CA LEU A 32 3.22 -2.40 -0.61
C LEU A 32 3.27 -1.50 0.63
N SER A 33 3.69 -2.06 1.76
CA SER A 33 3.77 -1.31 2.99
C SER A 33 5.05 -1.66 3.76
N CYS A 34 5.61 -0.66 4.44
CA CYS A 34 6.83 -0.86 5.21
C CYS A 34 6.57 -1.68 6.46
N ARG A 35 6.47 -3.00 6.29
CA ARG A 35 6.23 -3.90 7.41
C ARG A 35 7.53 -4.32 8.08
N LYS A 36 7.42 -4.83 9.29
CA LYS A 36 8.59 -5.27 10.05
C LYS A 36 8.91 -6.73 9.78
N TYR A 37 9.05 -7.07 8.50
CA TYR A 37 9.35 -8.44 8.10
C TYR A 37 10.73 -8.87 8.61
N ASN A 38 11.66 -7.93 8.62
CA ASN A 38 13.02 -8.20 9.08
C ASN A 38 12.99 -8.86 10.46
N LEU A 39 14.11 -9.47 10.84
CA LEU A 39 14.23 -10.13 12.13
C LEU A 39 14.46 -9.13 13.25
N MET A 40 15.38 -8.19 12.99
CA MET A 40 15.70 -7.16 13.98
C MET A 40 14.61 -6.09 14.02
N GLY A 41 13.89 -5.94 12.91
CA GLY A 41 12.82 -4.94 12.85
C GLY A 41 13.22 -3.73 12.04
N TYR A 42 14.03 -3.93 11.01
CA TYR A 42 14.49 -2.84 10.16
C TYR A 42 13.30 -2.19 9.45
N GLY A 43 12.47 -3.01 8.81
CA GLY A 43 11.31 -2.49 8.10
C GLY A 43 11.50 -2.52 6.59
N VAL A 44 10.72 -3.36 5.92
CA VAL A 44 10.80 -3.48 4.48
C VAL A 44 9.41 -3.58 3.85
N CYS A 45 9.33 -3.39 2.53
CA CYS A 45 8.07 -3.46 1.82
C CYS A 45 7.38 -4.79 2.08
N ALA A 46 6.05 -4.80 1.93
CA ALA A 46 5.27 -6.01 2.14
C ALA A 46 3.89 -5.89 1.52
N ALA A 47 3.57 -6.81 0.61
CA ALA A 47 2.28 -6.81 -0.06
C ALA A 47 1.14 -6.96 0.94
N GLN A 48 0.29 -5.94 1.04
CA GLN A 48 -0.83 -5.97 1.96
C GLN A 48 -1.79 -7.10 1.62
N THR A 49 -2.66 -7.45 2.56
CA THR A 49 -3.62 -8.52 2.37
C THR A 49 -5.05 -7.98 2.31
N CYS A 50 -5.31 -6.94 3.08
CA CYS A 50 -6.63 -6.32 3.12
C CYS A 50 -6.99 -5.71 1.77
N SER A 51 -8.27 -5.76 1.43
CA SER A 51 -8.75 -5.22 0.17
C SER A 51 -8.74 -3.69 0.18
N GLU A 52 -8.46 -3.09 -0.96
CA GLU A 52 -8.41 -1.64 -1.07
C GLU A 52 -9.81 -1.06 -1.17
N GLU A 53 -9.92 0.25 -1.02
CA GLU A 53 -11.21 0.94 -1.10
C GLU A 53 -11.68 1.05 -2.54
N GLY A 54 -12.87 0.53 -2.82
CA GLY A 54 -13.41 0.59 -4.16
C GLY A 54 -13.37 -0.76 -4.86
N THR A 55 -12.49 -1.64 -4.40
CA THR A 55 -12.35 -2.96 -4.99
C THR A 55 -13.49 -3.88 -4.56
N PHE A 56 -13.88 -4.78 -5.45
CA PHE A 56 -14.96 -5.71 -5.17
C PHE A 56 -14.58 -6.65 -4.02
N CYS A 57 -15.50 -6.80 -3.07
CA CYS A 57 -15.26 -7.65 -1.91
C CYS A 57 -16.49 -8.52 -1.62
N SER A 58 -16.36 -9.40 -0.64
CA SER A 58 -17.45 -10.29 -0.27
C SER A 58 -18.35 -9.64 0.79
N LEU A 59 -19.56 -9.29 0.39
CA LEU A 59 -20.52 -8.65 1.29
C LEU A 59 -20.86 -9.57 2.45
N SER A 60 -20.80 -10.88 2.21
CA SER A 60 -21.11 -11.87 3.24
C SER A 60 -20.05 -11.85 4.34
N ASP A 61 -18.83 -11.46 3.97
CA ASP A 61 -17.73 -11.39 4.92
C ASP A 61 -16.74 -10.31 4.53
N SER A 62 -16.80 -9.18 5.23
CA SER A 62 -15.90 -8.05 4.96
C SER A 62 -14.45 -8.52 4.91
N ASP A 63 -13.73 -8.06 3.89
CA ASP A 63 -12.32 -8.42 3.73
C ASP A 63 -11.50 -7.22 3.28
N CYS A 64 -11.87 -6.04 3.77
CA CYS A 64 -11.17 -4.81 3.44
C CYS A 64 -10.33 -4.32 4.61
N CYS A 65 -9.53 -3.28 4.37
CA CYS A 65 -8.69 -2.71 5.41
C CYS A 65 -9.53 -2.05 6.51
N SER A 66 -8.85 -1.59 7.54
CA SER A 66 -9.54 -0.93 8.66
C SER A 66 -10.17 0.38 8.22
N GLY A 67 -11.50 0.44 8.23
CA GLY A 67 -12.21 1.64 7.84
C GLY A 67 -12.89 1.48 6.49
N LEU A 68 -13.09 0.24 6.07
CA LEU A 68 -13.75 -0.04 4.80
C LEU A 68 -14.90 -1.02 4.96
N LYS A 69 -16.05 -0.69 4.40
CA LYS A 69 -17.22 -1.55 4.49
C LYS A 69 -17.71 -1.96 3.12
N CYS A 70 -17.88 -3.26 2.91
CA CYS A 70 -18.34 -3.79 1.63
C CYS A 70 -19.80 -3.41 1.38
N LYS A 71 -20.00 -2.43 0.50
CA LYS A 71 -21.35 -1.96 0.17
C LYS A 71 -21.83 -2.58 -1.14
N ARG A 72 -22.85 -3.44 -1.06
CA ARG A 72 -23.40 -4.08 -2.23
C ARG A 72 -23.63 -3.08 -3.36
N ARG A 73 -23.04 -3.36 -4.52
CA ARG A 73 -23.18 -2.48 -5.68
C ARG A 73 -23.48 -3.28 -6.94
N GLY A 74 -24.76 -3.54 -7.18
CA GLY A 74 -25.16 -4.29 -8.34
C GLY A 74 -26.28 -5.28 -8.05
N HIS A 75 -25.92 -6.55 -7.90
CA HIS A 75 -26.91 -7.58 -7.62
C HIS A 75 -26.24 -8.79 -6.95
N GLY A 76 -25.92 -8.65 -5.67
CA GLY A 76 -25.28 -9.73 -4.95
C GLY A 76 -23.77 -9.58 -4.89
N TYR A 77 -23.28 -8.39 -5.21
CA TYR A 77 -21.84 -8.13 -5.21
C TYR A 77 -21.57 -6.65 -4.95
N GLY A 78 -20.56 -6.38 -4.12
CA GLY A 78 -20.21 -5.00 -3.81
C GLY A 78 -18.71 -4.81 -3.66
N GLU A 79 -18.30 -3.58 -3.39
CA GLU A 79 -16.89 -3.26 -3.22
C GLU A 79 -16.65 -2.50 -1.92
N CYS A 80 -15.39 -2.37 -1.55
CA CYS A 80 -15.02 -1.67 -0.32
C CYS A 80 -15.38 -0.19 -0.41
N SER A 81 -15.80 0.38 0.72
CA SER A 81 -16.19 1.79 0.77
C SER A 81 -15.83 2.40 2.12
N LYS A 82 -15.28 3.61 2.08
CA LYS A 82 -14.89 4.31 3.29
C LYS A 82 -16.11 4.73 4.09
N SER A 1 36.71 18.73 -14.04
CA SER A 1 36.01 19.41 -12.95
C SER A 1 34.50 19.37 -13.16
N ALA A 2 33.93 18.18 -13.13
CA ALA A 2 32.49 18.00 -13.30
C ALA A 2 31.76 18.10 -11.98
N VAL A 3 30.52 18.59 -12.02
CA VAL A 3 29.71 18.73 -10.82
C VAL A 3 29.33 17.36 -10.25
N LEU A 4 29.18 17.30 -8.94
CA LEU A 4 28.81 16.06 -8.26
C LEU A 4 27.48 15.53 -8.78
N TRP A 5 27.30 14.21 -8.72
CA TRP A 5 26.07 13.58 -9.19
C TRP A 5 24.94 13.80 -8.19
N ASN A 6 23.72 13.90 -8.71
CA ASN A 6 22.54 14.11 -7.86
C ASN A 6 21.95 12.78 -7.40
N GLN A 7 21.21 12.82 -6.29
CA GLN A 7 20.59 11.61 -5.75
C GLN A 7 19.79 10.88 -6.83
N GLN A 8 19.06 11.65 -7.63
CA GLN A 8 18.24 11.08 -8.70
C GLN A 8 17.91 12.13 -9.75
N TYR A 9 17.69 11.67 -10.99
CA TYR A 9 17.36 12.57 -12.08
C TYR A 9 15.93 12.34 -12.57
N ASP A 10 15.50 11.09 -12.55
CA ASP A 10 14.16 10.74 -13.00
C ASP A 10 13.15 10.94 -11.87
N LYS A 11 11.88 10.97 -12.22
CA LYS A 11 10.80 11.16 -11.24
C LYS A 11 10.90 10.13 -10.13
N THR A 12 10.04 10.28 -9.12
CA THR A 12 10.03 9.36 -8.00
C THR A 12 9.80 7.92 -8.45
N VAL A 13 10.81 7.07 -8.27
CA VAL A 13 10.72 5.68 -8.66
C VAL A 13 10.36 4.79 -7.47
N CYS A 14 9.68 3.69 -7.76
CA CYS A 14 9.26 2.76 -6.72
C CYS A 14 9.88 1.38 -6.94
N ASN A 15 9.71 0.49 -5.96
CA ASN A 15 10.26 -0.85 -6.05
C ASN A 15 9.22 -1.89 -5.62
N GLN A 16 9.53 -3.16 -5.87
CA GLN A 16 8.63 -4.25 -5.50
C GLN A 16 8.86 -4.68 -4.06
N GLU A 17 7.99 -5.57 -3.57
CA GLU A 17 8.10 -6.07 -2.21
C GLU A 17 9.52 -6.58 -1.92
N GLY A 18 9.98 -6.36 -0.69
CA GLY A 18 11.31 -6.79 -0.31
C GLY A 18 12.25 -5.63 -0.05
N GLU A 19 12.03 -4.53 -0.76
CA GLU A 19 12.86 -3.34 -0.60
C GLU A 19 12.78 -2.80 0.82
N PHE A 20 13.72 -1.92 1.17
CA PHE A 20 13.76 -1.33 2.49
C PHE A 20 13.30 0.13 2.45
N CYS A 21 12.85 0.64 3.60
CA CYS A 21 12.39 2.02 3.69
C CYS A 21 13.19 2.79 4.74
N SER A 22 13.79 3.89 4.34
CA SER A 22 14.58 4.71 5.24
C SER A 22 13.68 5.61 6.09
N LYS A 23 14.29 6.36 7.00
CA LYS A 23 13.55 7.27 7.87
C LYS A 23 13.26 8.59 7.16
N SER A 24 13.69 8.70 5.91
CA SER A 24 13.49 9.91 5.12
C SER A 24 12.02 10.09 4.77
N GLY A 25 11.27 8.98 4.83
CA GLY A 25 9.85 9.04 4.51
C GLY A 25 9.54 8.38 3.18
N VAL A 26 10.36 7.41 2.79
CA VAL A 26 10.17 6.70 1.53
C VAL A 26 8.89 5.87 1.55
N ASP A 27 8.20 5.83 0.43
CA ASP A 27 6.96 5.06 0.32
C ASP A 27 7.06 4.01 -0.78
N CYS A 28 6.75 2.76 -0.44
CA CYS A 28 6.81 1.67 -1.39
C CYS A 28 5.83 1.88 -2.53
N CYS A 29 5.98 1.10 -3.59
CA CYS A 29 5.11 1.21 -4.76
C CYS A 29 3.65 0.95 -4.38
N ALA A 30 2.74 1.20 -5.31
CA ALA A 30 1.33 0.98 -5.08
C ALA A 30 1.03 -0.46 -4.69
N GLY A 31 0.50 -0.66 -3.49
CA GLY A 31 0.19 -2.00 -3.04
C GLY A 31 1.31 -2.59 -2.20
N LEU A 32 2.14 -1.73 -1.62
CA LEU A 32 3.25 -2.19 -0.80
C LEU A 32 3.33 -1.39 0.50
N SER A 33 3.72 -2.06 1.58
CA SER A 33 3.83 -1.41 2.88
C SER A 33 4.94 -2.04 3.71
N CYS A 34 5.67 -1.20 4.44
CA CYS A 34 6.77 -1.67 5.27
C CYS A 34 6.26 -2.34 6.55
N ARG A 35 6.12 -3.65 6.50
CA ARG A 35 5.64 -4.42 7.65
C ARG A 35 6.43 -4.06 8.91
N LYS A 36 5.94 -4.53 10.05
CA LYS A 36 6.59 -4.27 11.33
C LYS A 36 7.50 -5.43 11.72
N TYR A 37 8.13 -6.04 10.72
CA TYR A 37 9.04 -7.16 10.97
C TYR A 37 10.49 -6.75 10.80
N ASN A 38 11.20 -6.64 11.91
CA ASN A 38 12.61 -6.24 11.89
C ASN A 38 13.19 -6.22 13.30
N LEU A 39 14.37 -6.79 13.45
CA LEU A 39 15.04 -6.83 14.76
C LEU A 39 15.81 -5.55 15.01
N MET A 40 16.55 -5.09 14.00
CA MET A 40 17.33 -3.87 14.12
C MET A 40 16.47 -2.63 13.81
N GLY A 41 15.42 -2.85 13.02
CA GLY A 41 14.54 -1.75 12.66
C GLY A 41 14.63 -1.38 11.19
N TYR A 42 14.88 -2.39 10.35
CA TYR A 42 14.99 -2.18 8.91
C TYR A 42 13.84 -2.82 8.17
N GLY A 43 12.63 -2.38 8.47
CA GLY A 43 11.45 -2.93 7.81
C GLY A 43 11.57 -2.93 6.30
N VAL A 44 10.80 -3.79 5.64
CA VAL A 44 10.82 -3.88 4.19
C VAL A 44 9.41 -3.93 3.62
N CYS A 45 9.27 -3.50 2.37
CA CYS A 45 7.98 -3.49 1.70
C CYS A 45 7.33 -4.87 1.74
N ALA A 46 6.00 -4.90 1.66
CA ALA A 46 5.27 -6.16 1.68
C ALA A 46 3.87 -5.98 1.10
N ALA A 47 3.54 -6.78 0.09
CA ALA A 47 2.23 -6.72 -0.55
C ALA A 47 1.12 -6.85 0.48
N GLN A 48 0.30 -5.80 0.59
CA GLN A 48 -0.81 -5.79 1.54
C GLN A 48 -1.73 -6.99 1.32
N THR A 49 -2.57 -7.28 2.30
CA THR A 49 -3.51 -8.40 2.21
C THR A 49 -4.95 -7.90 2.18
N CYS A 50 -5.22 -6.83 2.89
CA CYS A 50 -6.56 -6.26 2.94
C CYS A 50 -6.98 -5.74 1.57
N SER A 51 -8.27 -5.85 1.28
CA SER A 51 -8.81 -5.40 0.00
C SER A 51 -8.78 -3.87 -0.09
N GLU A 52 -8.48 -3.37 -1.29
CA GLU A 52 -8.42 -1.93 -1.51
C GLU A 52 -9.82 -1.33 -1.62
N GLU A 53 -9.90 -0.01 -1.54
CA GLU A 53 -11.19 0.69 -1.64
C GLU A 53 -11.68 0.73 -3.07
N GLY A 54 -12.90 0.23 -3.28
CA GLY A 54 -13.47 0.21 -4.62
C GLY A 54 -13.47 -1.17 -5.23
N THR A 55 -12.59 -2.04 -4.74
CA THR A 55 -12.49 -3.40 -5.26
C THR A 55 -13.62 -4.27 -4.73
N PHE A 56 -14.07 -5.22 -5.55
CA PHE A 56 -15.15 -6.12 -5.16
C PHE A 56 -14.76 -6.97 -3.96
N CYS A 57 -15.66 -7.06 -2.99
CA CYS A 57 -15.40 -7.84 -1.78
C CYS A 57 -16.63 -8.66 -1.40
N SER A 58 -16.48 -9.48 -0.36
CA SER A 58 -17.58 -10.32 0.11
C SER A 58 -18.43 -9.58 1.14
N LEU A 59 -19.65 -9.25 0.75
CA LEU A 59 -20.57 -8.54 1.63
C LEU A 59 -20.89 -9.37 2.87
N SER A 60 -20.86 -10.69 2.71
CA SER A 60 -21.15 -11.60 3.82
C SER A 60 -20.05 -11.52 4.88
N ASP A 61 -18.85 -11.16 4.45
CA ASP A 61 -17.71 -11.05 5.37
C ASP A 61 -16.71 -10.01 4.87
N SER A 62 -16.79 -8.81 5.44
CA SER A 62 -15.89 -7.72 5.05
C SER A 62 -14.44 -8.19 5.08
N ASP A 63 -13.70 -7.85 4.03
CA ASP A 63 -12.29 -8.23 3.93
C ASP A 63 -11.46 -7.08 3.38
N CYS A 64 -11.85 -5.85 3.72
CA CYS A 64 -11.13 -4.67 3.26
C CYS A 64 -10.24 -4.10 4.36
N CYS A 65 -9.44 -3.11 4.02
CA CYS A 65 -8.54 -2.46 4.97
C CYS A 65 -9.34 -1.74 6.05
N SER A 66 -8.62 -1.12 6.99
CA SER A 66 -9.25 -0.40 8.08
C SER A 66 -9.89 0.90 7.57
N GLY A 67 -11.22 0.95 7.63
CA GLY A 67 -11.94 2.12 7.17
C GLY A 67 -12.67 1.88 5.87
N LEU A 68 -12.90 0.62 5.54
CA LEU A 68 -13.60 0.25 4.31
C LEU A 68 -14.74 -0.72 4.61
N LYS A 69 -15.91 -0.42 4.04
CA LYS A 69 -17.09 -1.26 4.24
C LYS A 69 -17.63 -1.77 2.90
N CYS A 70 -17.80 -3.08 2.80
CA CYS A 70 -18.31 -3.69 1.58
C CYS A 70 -19.77 -3.31 1.34
N LYS A 71 -19.99 -2.38 0.41
CA LYS A 71 -21.34 -1.93 0.08
C LYS A 71 -21.87 -2.63 -1.16
N ARG A 72 -22.89 -3.44 -0.99
CA ARG A 72 -23.49 -4.17 -2.10
C ARG A 72 -23.74 -3.25 -3.29
N ARG A 73 -23.20 -3.61 -4.45
CA ARG A 73 -23.36 -2.81 -5.65
C ARG A 73 -23.72 -3.70 -6.85
N GLY A 74 -25.01 -3.94 -7.03
CA GLY A 74 -25.47 -4.77 -8.13
C GLY A 74 -26.59 -5.71 -7.73
N HIS A 75 -26.25 -6.97 -7.50
CA HIS A 75 -27.24 -7.97 -7.12
C HIS A 75 -26.58 -9.13 -6.39
N GLY A 76 -26.18 -8.91 -5.14
CA GLY A 76 -25.54 -9.94 -4.36
C GLY A 76 -24.02 -9.83 -4.36
N TYR A 77 -23.52 -8.66 -4.78
CA TYR A 77 -22.09 -8.43 -4.84
C TYR A 77 -21.78 -6.94 -4.70
N GLY A 78 -20.75 -6.63 -3.92
CA GLY A 78 -20.36 -5.25 -3.72
C GLY A 78 -18.85 -5.08 -3.62
N GLU A 79 -18.41 -3.83 -3.45
CA GLU A 79 -16.99 -3.53 -3.34
C GLU A 79 -16.71 -2.68 -2.11
N CYS A 80 -15.42 -2.55 -1.77
CA CYS A 80 -15.01 -1.77 -0.62
C CYS A 80 -15.36 -0.29 -0.81
N SER A 81 -15.73 0.37 0.28
CA SER A 81 -16.09 1.78 0.23
C SER A 81 -15.65 2.49 1.51
N LYS A 82 -15.08 3.68 1.35
CA LYS A 82 -14.62 4.47 2.49
C LYS A 82 -15.80 4.93 3.34
N SER A 1 21.01 32.08 -9.86
CA SER A 1 21.34 31.47 -11.14
C SER A 1 20.65 30.12 -11.31
N ALA A 2 21.14 29.12 -10.58
CA ALA A 2 20.57 27.79 -10.64
C ALA A 2 19.28 27.70 -9.83
N VAL A 3 18.29 27.01 -10.37
CA VAL A 3 17.00 26.86 -9.70
C VAL A 3 17.08 25.77 -8.62
N LEU A 4 16.34 25.98 -7.53
CA LEU A 4 16.33 25.01 -6.44
C LEU A 4 15.84 23.64 -6.91
N TRP A 5 16.53 22.61 -6.47
CA TRP A 5 16.18 21.24 -6.85
C TRP A 5 14.70 20.97 -6.60
N ASN A 6 14.07 20.24 -7.51
CA ASN A 6 12.66 19.90 -7.39
C ASN A 6 12.46 18.57 -6.69
N GLN A 7 11.26 18.36 -6.15
CA GLN A 7 10.95 17.12 -5.46
C GLN A 7 11.26 15.91 -6.33
N GLN A 8 10.82 15.97 -7.60
CA GLN A 8 11.06 14.87 -8.53
C GLN A 8 10.81 15.32 -9.96
N TYR A 9 11.56 14.75 -10.90
CA TYR A 9 11.43 15.11 -12.31
C TYR A 9 11.16 13.86 -13.15
N ASP A 10 11.77 12.76 -12.78
CA ASP A 10 11.59 11.50 -13.50
C ASP A 10 10.21 10.91 -13.23
N LYS A 11 9.80 9.96 -14.06
CA LYS A 11 8.51 9.32 -13.91
C LYS A 11 8.34 8.75 -12.51
N THR A 12 7.14 8.23 -12.23
CA THR A 12 6.86 7.64 -10.92
C THR A 12 7.78 6.46 -10.63
N VAL A 13 8.64 6.61 -9.64
CA VAL A 13 9.57 5.55 -9.26
C VAL A 13 9.10 4.84 -7.99
N CYS A 14 9.43 3.55 -7.89
CA CYS A 14 9.04 2.76 -6.74
C CYS A 14 9.87 1.48 -6.66
N ASN A 15 9.72 0.74 -5.56
CA ASN A 15 10.45 -0.51 -5.37
C ASN A 15 9.49 -1.66 -5.06
N GLN A 16 9.82 -2.84 -5.55
CA GLN A 16 9.00 -4.02 -5.33
C GLN A 16 9.17 -4.54 -3.91
N GLU A 17 8.31 -5.49 -3.53
CA GLU A 17 8.38 -6.07 -2.20
C GLU A 17 9.79 -6.57 -1.88
N GLY A 18 10.23 -6.33 -0.64
CA GLY A 18 11.57 -6.75 -0.24
C GLY A 18 12.50 -5.58 0.01
N GLU A 19 12.27 -4.48 -0.71
CA GLU A 19 13.09 -3.29 -0.57
C GLU A 19 12.79 -2.58 0.75
N PHE A 20 13.83 -1.98 1.35
CA PHE A 20 13.68 -1.27 2.61
C PHE A 20 13.01 0.08 2.40
N CYS A 21 12.47 0.64 3.48
CA CYS A 21 11.79 1.93 3.41
C CYS A 21 12.51 2.97 4.27
N SER A 22 12.94 4.06 3.64
CA SER A 22 13.64 5.12 4.34
C SER A 22 12.77 5.72 5.44
N LYS A 23 13.40 6.40 6.39
CA LYS A 23 12.69 7.02 7.49
C LYS A 23 12.14 8.39 7.09
N SER A 24 12.38 8.77 5.83
CA SER A 24 11.91 10.05 5.32
C SER A 24 10.40 10.04 5.13
N GLY A 25 9.82 8.85 5.06
CA GLY A 25 8.38 8.73 4.90
C GLY A 25 8.00 8.27 3.50
N VAL A 26 8.90 7.52 2.86
CA VAL A 26 8.65 7.03 1.50
C VAL A 26 7.59 5.93 1.51
N ASP A 27 6.85 5.82 0.41
CA ASP A 27 5.80 4.82 0.29
C ASP A 27 6.13 3.82 -0.81
N CYS A 28 6.21 2.54 -0.44
CA CYS A 28 6.52 1.49 -1.40
C CYS A 28 5.59 1.56 -2.60
N CYS A 29 5.95 0.83 -3.66
CA CYS A 29 5.15 0.81 -4.89
C CYS A 29 3.69 0.50 -4.56
N ALA A 30 2.83 0.68 -5.56
CA ALA A 30 1.40 0.42 -5.39
C ALA A 30 1.15 -1.01 -4.92
N GLY A 31 0.58 -1.15 -3.73
CA GLY A 31 0.29 -2.46 -3.19
C GLY A 31 1.44 -3.00 -2.35
N LEU A 32 2.24 -2.09 -1.81
CA LEU A 32 3.38 -2.47 -0.98
C LEU A 32 3.46 -1.62 0.28
N SER A 33 3.85 -2.23 1.39
CA SER A 33 3.96 -1.53 2.66
C SER A 33 4.96 -2.22 3.57
N CYS A 34 5.73 -1.42 4.30
CA CYS A 34 6.72 -1.95 5.23
C CYS A 34 6.05 -2.67 6.40
N ARG A 35 5.99 -3.99 6.30
CA ARG A 35 5.38 -4.81 7.34
C ARG A 35 6.42 -5.73 8.00
N LYS A 36 6.93 -6.67 7.21
CA LYS A 36 7.93 -7.62 7.71
C LYS A 36 9.08 -6.89 8.38
N TYR A 37 9.09 -6.90 9.71
CA TYR A 37 10.13 -6.24 10.48
C TYR A 37 11.01 -7.26 11.20
N ASN A 38 12.31 -7.04 11.16
CA ASN A 38 13.27 -7.94 11.81
C ASN A 38 13.46 -7.56 13.27
N LEU A 39 14.46 -8.17 13.91
CA LEU A 39 14.75 -7.89 15.32
C LEU A 39 15.41 -6.52 15.46
N MET A 40 16.37 -6.23 14.61
CA MET A 40 17.08 -4.95 14.64
C MET A 40 16.14 -3.81 14.26
N GLY A 41 15.11 -4.13 13.48
CA GLY A 41 14.16 -3.12 13.07
C GLY A 41 14.38 -2.69 11.63
N TYR A 42 14.81 -3.62 10.78
CA TYR A 42 15.08 -3.34 9.38
C TYR A 42 13.79 -2.87 8.68
N GLY A 43 12.86 -3.80 8.51
CA GLY A 43 11.60 -3.48 7.86
C GLY A 43 11.75 -3.35 6.36
N VAL A 44 10.86 -4.02 5.62
CA VAL A 44 10.89 -3.98 4.16
C VAL A 44 9.49 -4.06 3.57
N CYS A 45 9.35 -3.60 2.34
CA CYS A 45 8.06 -3.62 1.66
C CYS A 45 7.46 -5.03 1.67
N ALA A 46 6.14 -5.09 1.58
CA ALA A 46 5.44 -6.39 1.57
C ALA A 46 4.04 -6.24 0.99
N ALA A 47 3.72 -7.09 0.02
CA ALA A 47 2.40 -7.06 -0.62
C ALA A 47 1.29 -7.13 0.43
N GLN A 48 0.49 -6.07 0.51
CA GLN A 48 -0.61 -6.02 1.47
C GLN A 48 -1.57 -7.17 1.25
N THR A 49 -2.42 -7.42 2.25
CA THR A 49 -3.38 -8.51 2.17
C THR A 49 -4.82 -7.97 2.15
N CYS A 50 -5.04 -6.87 2.85
CA CYS A 50 -6.36 -6.26 2.90
C CYS A 50 -6.78 -5.75 1.53
N SER A 51 -8.07 -5.83 1.25
CA SER A 51 -8.61 -5.37 -0.03
C SER A 51 -8.56 -3.85 -0.14
N GLU A 52 -8.28 -3.36 -1.35
CA GLU A 52 -8.20 -1.92 -1.58
C GLU A 52 -9.59 -1.31 -1.67
N GLU A 53 -9.65 0.02 -1.62
CA GLU A 53 -10.92 0.74 -1.69
C GLU A 53 -11.44 0.76 -3.12
N GLY A 54 -12.66 0.29 -3.32
CA GLY A 54 -13.26 0.28 -4.65
C GLY A 54 -13.28 -1.12 -5.26
N THR A 55 -12.41 -1.99 -4.76
CA THR A 55 -12.34 -3.35 -5.27
C THR A 55 -13.47 -4.21 -4.71
N PHE A 56 -13.94 -5.16 -5.53
CA PHE A 56 -15.03 -6.03 -5.13
C PHE A 56 -14.63 -6.87 -3.92
N CYS A 57 -15.53 -6.97 -2.95
CA CYS A 57 -15.27 -7.75 -1.74
C CYS A 57 -16.50 -8.55 -1.34
N SER A 58 -16.36 -9.36 -0.29
CA SER A 58 -17.46 -10.19 0.19
C SER A 58 -18.29 -9.43 1.22
N LEU A 59 -19.52 -9.08 0.84
CA LEU A 59 -20.41 -8.35 1.74
C LEU A 59 -20.73 -9.17 2.98
N SER A 60 -20.72 -10.50 2.83
CA SER A 60 -21.01 -11.40 3.95
C SER A 60 -19.90 -11.32 5.00
N ASP A 61 -18.69 -10.99 4.55
CA ASP A 61 -17.55 -10.88 5.46
C ASP A 61 -16.55 -9.85 4.94
N SER A 62 -16.59 -8.65 5.51
CA SER A 62 -15.68 -7.59 5.10
C SER A 62 -14.23 -8.07 5.11
N ASP A 63 -13.50 -7.75 4.05
CA ASP A 63 -12.10 -8.14 3.93
C ASP A 63 -11.26 -7.01 3.35
N CYS A 64 -11.62 -5.78 3.71
CA CYS A 64 -10.90 -4.60 3.23
C CYS A 64 -9.99 -4.05 4.32
N CYS A 65 -9.17 -3.06 3.95
CA CYS A 65 -8.25 -2.44 4.90
C CYS A 65 -9.02 -1.69 5.99
N SER A 66 -8.28 -1.10 6.92
CA SER A 66 -8.89 -0.35 8.02
C SER A 66 -9.54 0.93 7.51
N GLY A 67 -10.86 1.00 7.61
CA GLY A 67 -11.58 2.18 7.15
C GLY A 67 -12.31 1.94 5.84
N LEU A 68 -12.53 0.67 5.51
CA LEU A 68 -13.22 0.32 4.28
C LEU A 68 -14.37 -0.65 4.56
N LYS A 69 -15.55 -0.32 4.06
CA LYS A 69 -16.73 -1.16 4.25
C LYS A 69 -17.27 -1.66 2.92
N CYS A 70 -17.58 -2.95 2.85
CA CYS A 70 -18.11 -3.55 1.63
C CYS A 70 -19.55 -3.14 1.41
N LYS A 71 -19.77 -2.22 0.48
CA LYS A 71 -21.11 -1.74 0.16
C LYS A 71 -21.66 -2.44 -1.08
N ARG A 72 -22.69 -3.25 -0.89
CA ARG A 72 -23.32 -3.97 -2.00
C ARG A 72 -23.58 -3.03 -3.19
N ARG A 73 -23.03 -3.39 -4.34
CA ARG A 73 -23.20 -2.59 -5.54
C ARG A 73 -23.57 -3.47 -6.73
N GLY A 74 -24.86 -3.71 -6.92
CA GLY A 74 -25.32 -4.53 -8.03
C GLY A 74 -26.45 -5.46 -7.63
N HIS A 75 -26.11 -6.72 -7.38
CA HIS A 75 -27.12 -7.71 -6.99
C HIS A 75 -26.48 -8.88 -6.25
N GLY A 76 -26.11 -8.64 -4.99
CA GLY A 76 -25.49 -9.68 -4.19
C GLY A 76 -23.98 -9.59 -4.21
N TYR A 77 -23.46 -8.44 -4.63
CA TYR A 77 -22.02 -8.24 -4.70
C TYR A 77 -21.68 -6.76 -4.58
N GLY A 78 -20.64 -6.46 -3.81
CA GLY A 78 -20.22 -5.08 -3.62
C GLY A 78 -18.71 -4.93 -3.53
N GLU A 79 -18.25 -3.70 -3.38
CA GLU A 79 -16.82 -3.43 -3.30
C GLU A 79 -16.50 -2.56 -2.07
N CYS A 80 -15.22 -2.46 -1.75
CA CYS A 80 -14.78 -1.66 -0.60
C CYS A 80 -15.11 -0.19 -0.81
N SER A 81 -15.47 0.49 0.27
CA SER A 81 -15.80 1.91 0.21
C SER A 81 -15.29 2.65 1.44
N LYS A 82 -14.69 3.82 1.22
CA LYS A 82 -14.16 4.62 2.30
C LYS A 82 -15.27 5.14 3.21
N SER A 1 17.76 34.45 -13.83
CA SER A 1 16.67 33.90 -14.62
C SER A 1 16.65 32.37 -14.52
N ALA A 2 17.83 31.76 -14.55
CA ALA A 2 17.94 30.32 -14.45
C ALA A 2 17.39 29.80 -13.12
N VAL A 3 16.61 28.74 -13.19
CA VAL A 3 16.02 28.14 -11.99
C VAL A 3 17.06 27.36 -11.19
N LEU A 4 16.95 27.40 -9.88
CA LEU A 4 17.87 26.69 -9.00
C LEU A 4 17.90 25.20 -9.33
N TRP A 5 19.10 24.63 -9.40
CA TRP A 5 19.26 23.21 -9.70
C TRP A 5 18.38 22.36 -8.80
N ASN A 6 17.74 21.35 -9.40
CA ASN A 6 16.87 20.46 -8.65
C ASN A 6 17.66 19.36 -7.96
N GLN A 7 16.97 18.54 -7.18
CA GLN A 7 17.62 17.45 -6.46
C GLN A 7 17.65 16.17 -7.31
N GLN A 8 16.58 15.97 -8.08
CA GLN A 8 16.49 14.79 -8.94
C GLN A 8 15.87 15.15 -10.28
N TYR A 9 16.25 14.42 -11.32
CA TYR A 9 15.73 14.66 -12.66
C TYR A 9 14.73 13.57 -13.07
N ASP A 10 15.01 12.35 -12.65
CA ASP A 10 14.13 11.23 -12.97
C ASP A 10 12.83 11.31 -12.17
N LYS A 11 11.81 10.59 -12.64
CA LYS A 11 10.52 10.58 -11.98
C LYS A 11 10.54 9.69 -10.73
N THR A 12 9.45 9.70 -9.99
CA THR A 12 9.34 8.90 -8.77
C THR A 12 9.46 7.42 -9.08
N VAL A 13 10.51 6.79 -8.58
CA VAL A 13 10.74 5.37 -8.80
C VAL A 13 10.32 4.54 -7.59
N CYS A 14 9.89 3.32 -7.83
CA CYS A 14 9.46 2.43 -6.75
C CYS A 14 10.20 1.10 -6.81
N ASN A 15 10.05 0.28 -5.77
CA ASN A 15 10.69 -1.02 -5.71
C ASN A 15 9.70 -2.11 -5.30
N GLN A 16 10.08 -3.36 -5.56
CA GLN A 16 9.21 -4.49 -5.22
C GLN A 16 9.35 -4.85 -3.75
N GLU A 17 8.50 -5.77 -3.28
CA GLU A 17 8.53 -6.20 -1.90
C GLU A 17 9.94 -6.64 -1.49
N GLY A 18 10.32 -6.33 -0.25
CA GLY A 18 11.63 -6.70 0.23
C GLY A 18 12.51 -5.50 0.47
N GLU A 19 12.31 -4.44 -0.31
CA GLU A 19 13.09 -3.22 -0.18
C GLU A 19 12.84 -2.55 1.17
N PHE A 20 13.72 -1.62 1.54
CA PHE A 20 13.59 -0.91 2.79
C PHE A 20 13.11 0.52 2.57
N CYS A 21 12.60 1.14 3.61
CA CYS A 21 12.10 2.51 3.53
C CYS A 21 12.76 3.40 4.58
N SER A 22 13.45 4.44 4.12
CA SER A 22 14.13 5.37 5.03
C SER A 22 13.13 6.14 5.86
N LYS A 23 13.64 6.97 6.77
CA LYS A 23 12.79 7.77 7.64
C LYS A 23 12.35 9.06 6.94
N SER A 24 12.78 9.21 5.70
CA SER A 24 12.43 10.40 4.91
C SER A 24 10.95 10.39 4.54
N GLY A 25 10.33 9.21 4.60
CA GLY A 25 8.93 9.09 4.27
C GLY A 25 8.71 8.41 2.93
N VAL A 26 9.64 7.54 2.55
CA VAL A 26 9.54 6.83 1.28
C VAL A 26 8.33 5.89 1.28
N ASP A 27 7.70 5.76 0.11
CA ASP A 27 6.53 4.91 -0.03
C ASP A 27 6.79 3.81 -1.06
N CYS A 28 6.54 2.57 -0.66
CA CYS A 28 6.76 1.43 -1.55
C CYS A 28 5.88 1.53 -2.78
N CYS A 29 6.17 0.70 -3.78
CA CYS A 29 5.40 0.69 -5.02
C CYS A 29 3.93 0.41 -4.76
N ALA A 30 3.10 0.62 -5.77
CA ALA A 30 1.67 0.37 -5.64
C ALA A 30 1.39 -1.07 -5.22
N GLY A 31 0.78 -1.23 -4.05
CA GLY A 31 0.47 -2.55 -3.55
C GLY A 31 1.53 -3.08 -2.61
N LEU A 32 2.28 -2.17 -1.99
CA LEU A 32 3.33 -2.55 -1.07
C LEU A 32 3.26 -1.71 0.21
N SER A 33 3.58 -2.32 1.34
CA SER A 33 3.56 -1.63 2.63
C SER A 33 4.75 -2.04 3.48
N CYS A 34 5.39 -1.06 4.09
CA CYS A 34 6.54 -1.32 4.95
C CYS A 34 6.11 -1.92 6.29
N ARG A 35 5.97 -3.25 6.31
CA ARG A 35 5.56 -3.95 7.52
C ARG A 35 6.47 -5.15 7.79
N LYS A 36 7.51 -4.92 8.59
CA LYS A 36 8.46 -5.97 8.92
C LYS A 36 9.42 -5.51 10.02
N TYR A 37 10.04 -6.47 10.68
CA TYR A 37 10.99 -6.16 11.75
C TYR A 37 12.12 -5.28 11.24
N ASN A 38 12.93 -4.76 12.17
CA ASN A 38 14.05 -3.90 11.81
C ASN A 38 14.87 -3.54 13.05
N LEU A 39 15.96 -2.80 12.84
CA LEU A 39 16.83 -2.39 13.94
C LEU A 39 16.30 -1.12 14.60
N MET A 40 15.91 -0.15 13.78
CA MET A 40 15.38 1.11 14.29
C MET A 40 13.86 1.07 14.35
N GLY A 41 13.25 0.23 13.51
CA GLY A 41 11.81 0.12 13.49
C GLY A 41 11.20 0.66 12.21
N TYR A 42 11.93 0.53 11.12
CA TYR A 42 11.47 1.00 9.81
C TYR A 42 10.59 -0.04 9.13
N GLY A 43 11.20 -1.17 8.78
CA GLY A 43 10.46 -2.24 8.12
C GLY A 43 10.67 -2.24 6.61
N VAL A 44 10.40 -3.38 5.99
CA VAL A 44 10.56 -3.51 4.55
C VAL A 44 9.21 -3.66 3.86
N CYS A 45 9.17 -3.34 2.57
CA CYS A 45 7.94 -3.44 1.79
C CYS A 45 7.34 -4.84 1.89
N ALA A 46 6.04 -4.94 1.69
CA ALA A 46 5.35 -6.22 1.74
C ALA A 46 3.98 -6.13 1.08
N ALA A 47 3.75 -7.00 0.08
CA ALA A 47 2.48 -7.02 -0.63
C ALA A 47 1.32 -7.19 0.34
N GLN A 48 0.46 -6.17 0.40
CA GLN A 48 -0.70 -6.20 1.28
C GLN A 48 -1.61 -7.38 0.96
N THR A 49 -2.44 -7.76 1.92
CA THR A 49 -3.36 -8.88 1.73
C THR A 49 -4.81 -8.42 1.73
N CYS A 50 -5.10 -7.41 2.54
CA CYS A 50 -6.46 -6.86 2.62
C CYS A 50 -6.88 -6.25 1.29
N SER A 51 -8.18 -6.23 1.05
CA SER A 51 -8.73 -5.67 -0.19
C SER A 51 -8.65 -4.14 -0.17
N GLU A 52 -8.34 -3.56 -1.33
CA GLU A 52 -8.24 -2.12 -1.45
C GLU A 52 -9.63 -1.47 -1.50
N GLU A 53 -9.66 -0.15 -1.38
CA GLU A 53 -10.92 0.59 -1.40
C GLU A 53 -11.46 0.70 -2.83
N GLY A 54 -12.70 0.28 -3.01
CA GLY A 54 -13.32 0.33 -4.33
C GLY A 54 -13.36 -1.03 -5.00
N THR A 55 -12.47 -1.92 -4.58
CA THR A 55 -12.41 -3.26 -5.16
C THR A 55 -13.57 -4.13 -4.65
N PHE A 56 -14.08 -4.99 -5.52
CA PHE A 56 -15.18 -5.87 -5.17
C PHE A 56 -14.80 -6.79 -4.00
N CYS A 57 -15.72 -6.99 -3.08
CA CYS A 57 -15.47 -7.84 -1.92
C CYS A 57 -16.74 -8.62 -1.54
N SER A 58 -16.61 -9.48 -0.55
CA SER A 58 -17.74 -10.29 -0.09
C SER A 58 -18.52 -9.56 0.99
N LEU A 59 -19.74 -9.14 0.65
CA LEU A 59 -20.60 -8.43 1.59
C LEU A 59 -20.92 -9.30 2.80
N SER A 60 -20.97 -10.61 2.58
CA SER A 60 -21.26 -11.55 3.66
C SER A 60 -20.14 -11.58 4.69
N ASP A 61 -18.93 -11.27 4.24
CA ASP A 61 -17.77 -11.25 5.12
C ASP A 61 -16.74 -10.24 4.65
N SER A 62 -16.72 -9.07 5.28
CA SER A 62 -15.79 -8.01 4.92
C SER A 62 -14.36 -8.55 4.85
N ASP A 63 -13.63 -8.15 3.82
CA ASP A 63 -12.26 -8.59 3.64
C ASP A 63 -11.38 -7.45 3.14
N CYS A 64 -11.69 -6.23 3.59
CA CYS A 64 -10.94 -5.06 3.19
C CYS A 64 -10.02 -4.60 4.31
N CYS A 65 -9.17 -3.61 4.01
CA CYS A 65 -8.24 -3.08 5.00
C CYS A 65 -8.98 -2.37 6.12
N SER A 66 -8.23 -1.85 7.08
CA SER A 66 -8.81 -1.14 8.22
C SER A 66 -9.42 0.19 7.78
N GLY A 67 -10.74 0.29 7.88
CA GLY A 67 -11.42 1.51 7.49
C GLY A 67 -12.16 1.37 6.18
N LEU A 68 -12.42 0.12 5.78
CA LEU A 68 -13.13 -0.15 4.53
C LEU A 68 -14.29 -1.12 4.76
N LYS A 69 -15.47 -0.73 4.33
CA LYS A 69 -16.66 -1.56 4.48
C LYS A 69 -17.24 -1.94 3.12
N CYS A 70 -17.56 -3.22 2.96
CA CYS A 70 -18.12 -3.72 1.70
C CYS A 70 -19.56 -3.25 1.53
N LYS A 71 -19.75 -2.26 0.67
CA LYS A 71 -21.09 -1.73 0.41
C LYS A 71 -21.68 -2.33 -0.87
N ARG A 72 -22.75 -3.10 -0.70
CA ARG A 72 -23.41 -3.74 -1.84
C ARG A 72 -23.64 -2.73 -2.96
N ARG A 73 -23.16 -3.06 -4.15
CA ARG A 73 -23.32 -2.19 -5.31
C ARG A 73 -23.72 -2.99 -6.54
N GLY A 74 -25.02 -3.19 -6.72
CA GLY A 74 -25.52 -3.95 -7.86
C GLY A 74 -26.68 -4.84 -7.50
N HIS A 75 -26.41 -6.13 -7.34
CA HIS A 75 -27.44 -7.10 -7.00
C HIS A 75 -26.84 -8.33 -6.33
N GLY A 76 -26.41 -8.17 -5.08
CA GLY A 76 -25.82 -9.26 -4.34
C GLY A 76 -24.30 -9.23 -4.36
N TYR A 77 -23.75 -8.07 -4.73
CA TYR A 77 -22.30 -7.92 -4.80
C TYR A 77 -21.90 -6.46 -4.58
N GLY A 78 -20.84 -6.23 -3.82
CA GLY A 78 -20.38 -4.88 -3.56
C GLY A 78 -18.87 -4.79 -3.47
N GLU A 79 -18.36 -3.58 -3.29
CA GLU A 79 -16.92 -3.37 -3.18
C GLU A 79 -16.58 -2.58 -1.93
N CYS A 80 -15.29 -2.51 -1.61
CA CYS A 80 -14.83 -1.78 -0.43
C CYS A 80 -15.13 -0.29 -0.56
N SER A 81 -15.42 0.34 0.57
CA SER A 81 -15.73 1.76 0.59
C SER A 81 -15.22 2.42 1.86
N LYS A 82 -14.57 3.57 1.72
CA LYS A 82 -14.03 4.29 2.86
C LYS A 82 -15.15 4.83 3.75
N SER A 1 34.13 22.25 -11.54
CA SER A 1 33.13 22.11 -10.48
C SER A 1 31.73 22.22 -11.05
N ALA A 2 31.22 21.10 -11.60
CA ALA A 2 29.89 21.07 -12.17
C ALA A 2 28.82 21.11 -11.09
N VAL A 3 27.61 21.52 -11.46
CA VAL A 3 26.50 21.60 -10.52
C VAL A 3 25.99 20.21 -10.15
N LEU A 4 25.63 20.03 -8.89
CA LEU A 4 25.12 18.76 -8.41
C LEU A 4 23.82 18.38 -9.12
N TRP A 5 23.50 17.09 -9.12
CA TRP A 5 22.30 16.60 -9.76
C TRP A 5 21.06 16.95 -8.93
N ASN A 6 19.92 17.10 -9.60
CA ASN A 6 18.67 17.43 -8.93
C ASN A 6 18.18 16.26 -8.10
N GLN A 7 17.26 16.54 -7.18
CA GLN A 7 16.70 15.50 -6.33
C GLN A 7 16.13 14.35 -7.16
N GLN A 8 15.39 14.70 -8.20
CA GLN A 8 14.78 13.70 -9.08
C GLN A 8 14.26 14.35 -10.36
N TYR A 9 14.35 13.61 -11.46
CA TYR A 9 13.90 14.11 -12.76
C TYR A 9 12.86 13.17 -13.37
N ASP A 10 13.04 11.87 -13.16
CA ASP A 10 12.13 10.88 -13.69
C ASP A 10 10.85 10.81 -12.84
N LYS A 11 9.80 10.23 -13.42
CA LYS A 11 8.52 10.11 -12.72
C LYS A 11 8.70 9.38 -11.38
N THR A 12 7.63 9.30 -10.61
CA THR A 12 7.65 8.64 -9.31
C THR A 12 8.05 7.17 -9.47
N VAL A 13 9.21 6.82 -8.91
CA VAL A 13 9.70 5.45 -8.98
C VAL A 13 9.32 4.67 -7.74
N CYS A 14 9.14 3.36 -7.89
CA CYS A 14 8.77 2.50 -6.79
C CYS A 14 9.53 1.17 -6.84
N ASN A 15 9.59 0.47 -5.71
CA ASN A 15 10.28 -0.80 -5.63
C ASN A 15 9.33 -1.92 -5.27
N GLN A 16 9.73 -3.16 -5.54
CA GLN A 16 8.91 -4.32 -5.24
C GLN A 16 9.13 -4.79 -3.80
N GLU A 17 8.30 -5.72 -3.35
CA GLU A 17 8.40 -6.26 -2.00
C GLU A 17 9.81 -6.72 -1.70
N GLY A 18 10.31 -6.41 -0.50
CA GLY A 18 11.65 -6.80 -0.12
C GLY A 18 12.58 -5.62 0.02
N GLU A 19 12.33 -4.57 -0.76
CA GLU A 19 13.17 -3.37 -0.71
C GLU A 19 12.89 -2.57 0.55
N PHE A 20 13.94 -1.99 1.12
CA PHE A 20 13.81 -1.19 2.33
C PHE A 20 13.31 0.21 2.01
N CYS A 21 12.78 0.89 3.03
CA CYS A 21 12.25 2.24 2.86
C CYS A 21 12.93 3.21 3.82
N SER A 22 13.29 4.39 3.32
CA SER A 22 13.94 5.40 4.13
C SER A 22 13.04 5.85 5.28
N LYS A 23 13.62 6.55 6.25
CA LYS A 23 12.87 7.03 7.40
C LYS A 23 12.17 8.35 7.07
N SER A 24 12.32 8.81 5.83
CA SER A 24 11.71 10.06 5.39
C SER A 24 10.20 9.91 5.27
N GLY A 25 9.74 8.66 5.18
CA GLY A 25 8.32 8.40 5.06
C GLY A 25 7.92 7.97 3.66
N VAL A 26 8.86 7.33 2.96
CA VAL A 26 8.60 6.87 1.60
C VAL A 26 7.51 5.80 1.58
N ASP A 27 6.77 5.73 0.48
CA ASP A 27 5.70 4.76 0.34
C ASP A 27 6.03 3.75 -0.77
N CYS A 28 6.05 2.47 -0.40
CA CYS A 28 6.35 1.41 -1.36
C CYS A 28 5.39 1.45 -2.54
N CYS A 29 5.72 0.72 -3.60
CA CYS A 29 4.88 0.67 -4.78
C CYS A 29 3.43 0.35 -4.42
N ALA A 30 2.54 0.50 -5.39
CA ALA A 30 1.12 0.22 -5.17
C ALA A 30 0.91 -1.23 -4.72
N GLY A 31 0.37 -1.39 -3.51
CA GLY A 31 0.12 -2.72 -2.99
C GLY A 31 1.28 -3.23 -2.16
N LEU A 32 2.06 -2.31 -1.60
CA LEU A 32 3.20 -2.68 -0.77
C LEU A 32 3.22 -1.86 0.52
N SER A 33 3.64 -2.49 1.61
CA SER A 33 3.71 -1.82 2.91
C SER A 33 4.97 -2.23 3.66
N CYS A 34 5.61 -1.26 4.31
CA CYS A 34 6.82 -1.52 5.06
C CYS A 34 6.50 -2.09 6.44
N ARG A 35 6.37 -3.42 6.52
CA ARG A 35 6.06 -4.09 7.76
C ARG A 35 7.04 -5.22 8.04
N LYS A 36 7.07 -6.20 7.14
CA LYS A 36 7.97 -7.34 7.29
C LYS A 36 9.40 -6.88 7.50
N TYR A 37 10.24 -7.78 8.01
CA TYR A 37 11.64 -7.46 8.27
C TYR A 37 11.77 -6.32 9.28
N ASN A 38 11.16 -6.51 10.45
CA ASN A 38 11.20 -5.51 11.50
C ASN A 38 11.84 -6.07 12.77
N LEU A 39 12.83 -6.93 12.60
CA LEU A 39 13.53 -7.54 13.73
C LEU A 39 14.62 -6.62 14.25
N MET A 40 15.40 -6.06 13.33
CA MET A 40 16.49 -5.14 13.70
C MET A 40 15.98 -3.72 13.82
N GLY A 41 14.90 -3.41 13.12
CA GLY A 41 14.34 -2.08 13.17
C GLY A 41 14.49 -1.34 11.85
N TYR A 42 14.40 -2.06 10.75
CA TYR A 42 14.53 -1.47 9.43
C TYR A 42 13.16 -1.31 8.77
N GLY A 43 12.60 -2.43 8.31
CA GLY A 43 11.31 -2.40 7.66
C GLY A 43 11.42 -2.44 6.14
N VAL A 44 10.88 -3.50 5.55
CA VAL A 44 10.93 -3.66 4.10
C VAL A 44 9.52 -3.80 3.52
N CYS A 45 9.37 -3.46 2.24
CA CYS A 45 8.09 -3.54 1.57
C CYS A 45 7.49 -4.93 1.70
N ALA A 46 6.16 -5.02 1.61
CA ALA A 46 5.48 -6.30 1.71
C ALA A 46 4.07 -6.22 1.11
N ALA A 47 3.75 -7.18 0.25
CA ALA A 47 2.44 -7.21 -0.40
C ALA A 47 1.32 -7.28 0.64
N GLN A 48 0.49 -6.24 0.67
CA GLN A 48 -0.62 -6.18 1.61
C GLN A 48 -1.61 -7.32 1.37
N THR A 49 -2.47 -7.58 2.35
CA THR A 49 -3.46 -8.63 2.22
C THR A 49 -4.87 -8.06 2.18
N CYS A 50 -5.09 -6.97 2.91
CA CYS A 50 -6.39 -6.32 2.95
C CYS A 50 -6.78 -5.78 1.58
N SER A 51 -8.07 -5.83 1.26
CA SER A 51 -8.57 -5.34 -0.01
C SER A 51 -8.52 -3.82 -0.07
N GLU A 52 -8.22 -3.30 -1.26
CA GLU A 52 -8.15 -1.85 -1.45
C GLU A 52 -9.55 -1.24 -1.54
N GLU A 53 -9.62 0.08 -1.46
CA GLU A 53 -10.89 0.79 -1.54
C GLU A 53 -11.40 0.85 -2.97
N GLY A 54 -12.62 0.37 -3.18
CA GLY A 54 -13.19 0.37 -4.52
C GLY A 54 -13.21 -1.01 -5.15
N THR A 55 -12.32 -1.89 -4.67
CA THR A 55 -12.24 -3.24 -5.19
C THR A 55 -13.38 -4.11 -4.68
N PHE A 56 -13.84 -5.04 -5.52
CA PHE A 56 -14.93 -5.93 -5.15
C PHE A 56 -14.55 -6.79 -3.96
N CYS A 57 -15.45 -6.91 -2.99
CA CYS A 57 -15.21 -7.70 -1.80
C CYS A 57 -16.45 -8.52 -1.43
N SER A 58 -16.32 -9.35 -0.39
CA SER A 58 -17.43 -10.17 0.06
C SER A 58 -18.27 -9.44 1.10
N LEU A 59 -19.49 -9.07 0.71
CA LEU A 59 -20.40 -8.36 1.61
C LEU A 59 -20.72 -9.20 2.84
N SER A 60 -20.71 -10.52 2.66
CA SER A 60 -21.01 -11.44 3.75
C SER A 60 -19.92 -11.39 4.82
N ASP A 61 -18.71 -11.05 4.41
CA ASP A 61 -17.58 -10.96 5.33
C ASP A 61 -16.56 -9.93 4.84
N SER A 62 -16.59 -8.75 5.46
CA SER A 62 -15.67 -7.68 5.08
C SER A 62 -14.23 -8.17 5.06
N ASP A 63 -13.51 -7.81 3.99
CA ASP A 63 -12.12 -8.22 3.84
C ASP A 63 -11.27 -7.06 3.30
N CYS A 64 -11.62 -5.85 3.71
CA CYS A 64 -10.89 -4.66 3.26
C CYS A 64 -9.99 -4.13 4.38
N CYS A 65 -9.18 -3.13 4.06
CA CYS A 65 -8.27 -2.53 5.03
C CYS A 65 -9.06 -1.78 6.11
N SER A 66 -8.34 -1.24 7.09
CA SER A 66 -8.96 -0.51 8.18
C SER A 66 -9.58 0.79 7.68
N GLY A 67 -10.91 0.88 7.74
CA GLY A 67 -11.60 2.08 7.29
C GLY A 67 -12.33 1.86 5.98
N LEU A 68 -12.58 0.60 5.64
CA LEU A 68 -13.28 0.27 4.41
C LEU A 68 -14.44 -0.68 4.69
N LYS A 69 -15.60 -0.35 4.13
CA LYS A 69 -16.79 -1.19 4.31
C LYS A 69 -17.34 -1.66 2.96
N CYS A 70 -17.55 -2.97 2.84
CA CYS A 70 -18.06 -3.54 1.61
C CYS A 70 -19.52 -3.14 1.39
N LYS A 71 -19.72 -2.20 0.47
CA LYS A 71 -21.07 -1.72 0.15
C LYS A 71 -21.60 -2.40 -1.11
N ARG A 72 -22.64 -3.20 -0.94
CA ARG A 72 -23.25 -3.91 -2.07
C ARG A 72 -23.48 -2.96 -3.25
N ARG A 73 -22.94 -3.31 -4.41
CA ARG A 73 -23.09 -2.49 -5.60
C ARG A 73 -23.47 -3.35 -6.81
N GLY A 74 -24.77 -3.57 -6.98
CA GLY A 74 -25.25 -4.38 -8.10
C GLY A 74 -26.38 -5.30 -7.69
N HIS A 75 -26.06 -6.57 -7.48
CA HIS A 75 -27.06 -7.56 -7.09
C HIS A 75 -26.41 -8.75 -6.40
N GLY A 76 -26.00 -8.55 -5.14
CA GLY A 76 -25.36 -9.61 -4.39
C GLY A 76 -23.85 -9.52 -4.41
N TYR A 77 -23.34 -8.36 -4.81
CA TYR A 77 -21.91 -8.13 -4.87
C TYR A 77 -21.57 -6.65 -4.71
N GLY A 78 -20.54 -6.37 -3.91
CA GLY A 78 -20.14 -5.00 -3.69
C GLY A 78 -18.63 -4.85 -3.58
N GLU A 79 -18.17 -3.61 -3.41
CA GLU A 79 -16.75 -3.33 -3.30
C GLU A 79 -16.45 -2.51 -2.04
N CYS A 80 -15.16 -2.39 -1.71
CA CYS A 80 -14.74 -1.64 -0.54
C CYS A 80 -15.07 -0.16 -0.71
N SER A 81 -15.43 0.49 0.40
CA SER A 81 -15.78 1.90 0.38
C SER A 81 -15.32 2.58 1.67
N LYS A 82 -14.69 3.75 1.53
CA LYS A 82 -14.21 4.51 2.68
C LYS A 82 -15.37 4.95 3.56
N SER A 1 15.34 23.90 7.18
CA SER A 1 16.58 23.20 6.88
C SER A 1 16.63 22.77 5.42
N ALA A 2 17.83 22.52 4.91
CA ALA A 2 18.01 22.10 3.53
C ALA A 2 17.68 20.61 3.37
N VAL A 3 16.95 20.28 2.31
CA VAL A 3 16.57 18.90 2.05
C VAL A 3 17.75 18.11 1.48
N LEU A 4 17.85 16.84 1.88
CA LEU A 4 18.91 15.98 1.40
C LEU A 4 18.84 15.78 -0.11
N TRP A 5 19.96 15.96 -0.78
CA TRP A 5 20.02 15.81 -2.23
C TRP A 5 19.43 14.47 -2.66
N ASN A 6 18.69 14.48 -3.78
CA ASN A 6 18.07 13.27 -4.29
C ASN A 6 19.09 12.40 -5.02
N GLN A 7 18.98 11.09 -4.82
CA GLN A 7 19.90 10.14 -5.47
C GLN A 7 19.59 10.01 -6.95
N GLN A 8 18.30 10.04 -7.29
CA GLN A 8 17.88 9.92 -8.67
C GLN A 8 17.19 11.20 -9.15
N TYR A 9 17.26 11.46 -10.45
CA TYR A 9 16.65 12.65 -11.03
C TYR A 9 15.27 12.33 -11.61
N ASP A 10 15.15 11.14 -12.18
CA ASP A 10 13.89 10.71 -12.78
C ASP A 10 12.75 10.82 -11.78
N LYS A 11 11.52 10.77 -12.28
CA LYS A 11 10.33 10.87 -11.44
C LYS A 11 10.41 9.87 -10.28
N THR A 12 9.50 10.02 -9.32
CA THR A 12 9.47 9.14 -8.16
C THR A 12 9.32 7.68 -8.59
N VAL A 13 10.35 6.88 -8.33
CA VAL A 13 10.34 5.47 -8.68
C VAL A 13 10.00 4.60 -7.47
N CYS A 14 9.36 3.45 -7.73
CA CYS A 14 8.99 2.54 -6.67
C CYS A 14 9.65 1.18 -6.85
N ASN A 15 9.59 0.34 -5.82
CA ASN A 15 10.18 -0.98 -5.86
C ASN A 15 9.20 -2.04 -5.38
N GLN A 16 9.49 -3.30 -5.70
CA GLN A 16 8.64 -4.41 -5.30
C GLN A 16 8.92 -4.81 -3.86
N GLU A 17 8.11 -5.75 -3.35
CA GLU A 17 8.28 -6.22 -1.98
C GLU A 17 9.72 -6.65 -1.71
N GLY A 18 10.21 -6.35 -0.51
CA GLY A 18 11.57 -6.70 -0.16
C GLY A 18 12.45 -5.49 0.02
N GLU A 19 12.16 -4.42 -0.71
CA GLU A 19 12.94 -3.19 -0.64
C GLU A 19 12.75 -2.52 0.73
N PHE A 20 13.82 -1.89 1.22
CA PHE A 20 13.77 -1.21 2.50
C PHE A 20 13.16 0.18 2.36
N CYS A 21 12.70 0.74 3.48
CA CYS A 21 12.10 2.07 3.48
C CYS A 21 12.96 3.05 4.26
N SER A 22 13.31 4.16 3.62
CA SER A 22 14.13 5.19 4.25
C SER A 22 13.31 6.02 5.23
N LYS A 23 14.00 6.76 6.08
CA LYS A 23 13.33 7.61 7.07
C LYS A 23 12.92 8.95 6.45
N SER A 24 13.20 9.11 5.17
CA SER A 24 12.87 10.34 4.47
C SER A 24 11.36 10.47 4.28
N GLY A 25 10.66 9.34 4.39
CA GLY A 25 9.22 9.35 4.23
C GLY A 25 8.77 8.73 2.93
N VAL A 26 9.58 7.79 2.41
CA VAL A 26 9.26 7.13 1.16
C VAL A 26 8.21 6.04 1.36
N ASP A 27 7.36 5.85 0.35
CA ASP A 27 6.30 4.84 0.42
C ASP A 27 6.48 3.80 -0.68
N CYS A 28 6.47 2.53 -0.27
CA CYS A 28 6.63 1.42 -1.22
C CYS A 28 5.64 1.56 -2.38
N CYS A 29 5.90 0.83 -3.45
CA CYS A 29 5.05 0.86 -4.63
C CYS A 29 3.59 0.60 -4.25
N ALA A 30 2.68 0.84 -5.19
CA ALA A 30 1.26 0.62 -4.96
C ALA A 30 0.99 -0.84 -4.57
N GLY A 31 0.50 -1.03 -3.34
CA GLY A 31 0.20 -2.37 -2.88
C GLY A 31 1.32 -2.94 -2.03
N LEU A 32 2.14 -2.08 -1.46
CA LEU A 32 3.26 -2.51 -0.64
C LEU A 32 3.33 -1.69 0.66
N SER A 33 3.72 -2.35 1.75
CA SER A 33 3.82 -1.67 3.04
C SER A 33 5.08 -2.12 3.78
N CYS A 34 5.84 -1.16 4.28
CA CYS A 34 7.07 -1.44 5.01
C CYS A 34 6.76 -1.94 6.42
N ARG A 35 6.63 -3.26 6.56
CA ARG A 35 6.34 -3.88 7.84
C ARG A 35 7.48 -3.65 8.82
N LYS A 36 7.17 -3.07 9.97
CA LYS A 36 8.18 -2.80 11.00
C LYS A 36 8.98 -4.06 11.31
N TYR A 37 10.17 -3.86 11.88
CA TYR A 37 11.04 -4.98 12.23
C TYR A 37 10.28 -6.02 13.05
N ASN A 38 9.92 -7.13 12.40
CA ASN A 38 9.18 -8.20 13.07
C ASN A 38 10.07 -8.88 14.11
N LEU A 39 9.61 -10.02 14.61
CA LEU A 39 10.35 -10.78 15.61
C LEU A 39 11.79 -11.01 15.16
N MET A 40 11.96 -11.39 13.90
CA MET A 40 13.28 -11.63 13.34
C MET A 40 13.99 -10.32 13.01
N GLY A 41 13.20 -9.28 12.79
CA GLY A 41 13.77 -7.97 12.46
C GLY A 41 13.61 -7.63 11.00
N TYR A 42 12.47 -8.00 10.41
CA TYR A 42 12.21 -7.73 9.00
C TYR A 42 11.63 -6.33 8.83
N GLY A 43 12.38 -5.46 8.17
CA GLY A 43 11.91 -4.10 7.94
C GLY A 43 11.97 -3.71 6.47
N VAL A 44 11.07 -4.28 5.67
CA VAL A 44 11.02 -3.99 4.25
C VAL A 44 9.59 -4.03 3.73
N CYS A 45 9.40 -3.61 2.49
CA CYS A 45 8.08 -3.59 1.86
C CYS A 45 7.44 -4.98 1.93
N ALA A 46 6.11 -5.01 1.88
CA ALA A 46 5.38 -6.27 1.93
C ALA A 46 3.97 -6.12 1.34
N ALA A 47 3.63 -6.99 0.39
CA ALA A 47 2.32 -6.95 -0.25
C ALA A 47 1.21 -7.06 0.78
N GLN A 48 0.35 -6.04 0.82
CA GLN A 48 -0.77 -6.02 1.76
C GLN A 48 -1.73 -7.16 1.48
N THR A 49 -2.60 -7.44 2.46
CA THR A 49 -3.58 -8.52 2.32
C THR A 49 -4.99 -7.96 2.26
N CYS A 50 -5.23 -6.89 3.00
CA CYS A 50 -6.54 -6.25 3.03
C CYS A 50 -6.92 -5.70 1.66
N SER A 51 -8.21 -5.74 1.34
CA SER A 51 -8.70 -5.24 0.06
C SER A 51 -8.69 -3.72 0.03
N GLU A 52 -8.38 -3.16 -1.13
CA GLU A 52 -8.33 -1.71 -1.29
C GLU A 52 -9.75 -1.13 -1.40
N GLU A 53 -9.84 0.19 -1.29
CA GLU A 53 -11.12 0.87 -1.37
C GLU A 53 -11.61 0.96 -2.80
N GLY A 54 -12.82 0.44 -3.05
CA GLY A 54 -13.38 0.46 -4.39
C GLY A 54 -13.35 -0.90 -5.05
N THR A 55 -12.47 -1.78 -4.57
CA THR A 55 -12.35 -3.12 -5.13
C THR A 55 -13.49 -4.01 -4.65
N PHE A 56 -13.92 -4.93 -5.51
CA PHE A 56 -15.00 -5.85 -5.17
C PHE A 56 -14.61 -6.73 -3.99
N CYS A 57 -15.51 -6.88 -3.04
CA CYS A 57 -15.27 -7.69 -1.85
C CYS A 57 -16.49 -8.54 -1.51
N SER A 58 -16.36 -9.39 -0.50
CA SER A 58 -17.44 -10.26 -0.07
C SER A 58 -18.32 -9.56 0.96
N LEU A 59 -19.54 -9.22 0.57
CA LEU A 59 -20.49 -8.55 1.46
C LEU A 59 -20.80 -9.43 2.66
N SER A 60 -20.76 -10.74 2.46
CA SER A 60 -21.05 -11.69 3.54
C SER A 60 -19.98 -11.63 4.62
N ASP A 61 -18.77 -11.25 4.22
CA ASP A 61 -17.66 -11.16 5.16
C ASP A 61 -16.66 -10.09 4.71
N SER A 62 -16.71 -8.93 5.37
CA SER A 62 -15.81 -7.84 5.03
C SER A 62 -14.36 -8.30 4.99
N ASP A 63 -13.64 -7.89 3.95
CA ASP A 63 -12.24 -8.28 3.80
C ASP A 63 -11.41 -7.10 3.29
N CYS A 64 -11.78 -5.90 3.73
CA CYS A 64 -11.06 -4.68 3.33
C CYS A 64 -10.21 -4.15 4.47
N CYS A 65 -9.41 -3.14 4.17
CA CYS A 65 -8.52 -2.54 5.17
C CYS A 65 -9.34 -1.84 6.26
N SER A 66 -8.65 -1.31 7.26
CA SER A 66 -9.31 -0.61 8.36
C SER A 66 -9.94 0.69 7.88
N GLY A 67 -11.26 0.75 7.93
CA GLY A 67 -11.97 1.95 7.49
C GLY A 67 -12.68 1.74 6.17
N LEU A 68 -12.90 0.49 5.80
CA LEU A 68 -13.59 0.17 4.55
C LEU A 68 -14.73 -0.81 4.80
N LYS A 69 -15.89 -0.51 4.22
CA LYS A 69 -17.07 -1.35 4.36
C LYS A 69 -17.59 -1.81 3.01
N CYS A 70 -17.77 -3.12 2.86
CA CYS A 70 -18.26 -3.69 1.61
C CYS A 70 -19.72 -3.30 1.37
N LYS A 71 -19.93 -2.35 0.47
CA LYS A 71 -21.29 -1.89 0.14
C LYS A 71 -21.79 -2.55 -1.14
N ARG A 72 -22.81 -3.38 -1.00
CA ARG A 72 -23.39 -4.07 -2.15
C ARG A 72 -23.64 -3.10 -3.30
N ARG A 73 -23.11 -3.42 -4.47
CA ARG A 73 -23.28 -2.58 -5.65
C ARG A 73 -23.58 -3.41 -6.89
N GLY A 74 -24.86 -3.71 -7.11
CA GLY A 74 -25.26 -4.50 -8.26
C GLY A 74 -26.38 -5.47 -7.93
N HIS A 75 -26.03 -6.73 -7.75
CA HIS A 75 -27.02 -7.75 -7.43
C HIS A 75 -26.38 -8.93 -6.69
N GLY A 76 -26.00 -8.71 -5.45
CA GLY A 76 -25.37 -9.75 -4.65
C GLY A 76 -23.87 -9.63 -4.62
N TYR A 77 -23.36 -8.46 -4.99
CA TYR A 77 -21.92 -8.21 -5.00
C TYR A 77 -21.62 -6.72 -4.81
N GLY A 78 -20.60 -6.44 -4.00
CA GLY A 78 -20.23 -5.05 -3.75
C GLY A 78 -18.73 -4.88 -3.62
N GLU A 79 -18.30 -3.64 -3.42
CA GLU A 79 -16.87 -3.34 -3.29
C GLU A 79 -16.60 -2.53 -2.01
N CYS A 80 -15.33 -2.41 -1.66
CA CYS A 80 -14.94 -1.67 -0.47
C CYS A 80 -15.30 -0.19 -0.61
N SER A 81 -15.70 0.43 0.50
CA SER A 81 -16.07 1.83 0.50
C SER A 81 -15.70 2.49 1.83
N LYS A 82 -15.13 3.69 1.74
CA LYS A 82 -14.72 4.43 2.94
C LYS A 82 -15.94 4.87 3.74
N SER A 1 9.26 35.87 -16.92
CA SER A 1 8.15 34.97 -17.21
C SER A 1 8.49 33.55 -16.75
N ALA A 2 9.13 33.44 -15.60
CA ALA A 2 9.50 32.15 -15.04
C ALA A 2 8.28 31.31 -14.72
N VAL A 3 8.27 30.07 -15.18
CA VAL A 3 7.15 29.17 -14.94
C VAL A 3 7.21 28.57 -13.54
N LEU A 4 6.05 28.32 -12.95
CA LEU A 4 5.97 27.75 -11.61
C LEU A 4 6.81 26.48 -11.51
N TRP A 5 7.59 26.38 -10.43
CA TRP A 5 8.44 25.22 -10.21
C TRP A 5 7.65 23.92 -10.36
N ASN A 6 8.25 22.94 -11.01
CA ASN A 6 7.58 21.64 -11.21
C ASN A 6 7.73 20.77 -9.97
N GLN A 7 6.99 19.66 -9.95
CA GLN A 7 7.03 18.73 -8.84
C GLN A 7 8.19 17.76 -8.97
N GLN A 8 8.46 17.33 -10.20
CA GLN A 8 9.55 16.40 -10.47
C GLN A 8 9.94 16.43 -11.94
N TYR A 9 11.11 15.88 -12.24
CA TYR A 9 11.61 15.85 -13.61
C TYR A 9 11.84 14.41 -14.06
N ASP A 10 12.36 13.59 -13.17
CA ASP A 10 12.63 12.19 -13.47
C ASP A 10 11.37 11.34 -13.30
N LYS A 11 11.39 10.14 -13.86
CA LYS A 11 10.26 9.23 -13.77
C LYS A 11 10.03 8.78 -12.34
N THR A 12 8.90 8.12 -12.09
CA THR A 12 8.57 7.64 -10.76
C THR A 12 9.29 6.34 -10.45
N VAL A 13 10.14 6.36 -9.42
CA VAL A 13 10.90 5.19 -9.03
C VAL A 13 10.32 4.56 -7.76
N CYS A 14 10.47 3.25 -7.64
CA CYS A 14 9.96 2.52 -6.47
C CYS A 14 10.59 1.14 -6.37
N ASN A 15 10.32 0.44 -5.27
CA ASN A 15 10.85 -0.89 -5.06
C ASN A 15 9.72 -1.89 -4.82
N GLN A 16 10.04 -3.18 -4.95
CA GLN A 16 9.06 -4.23 -4.75
C GLN A 16 9.15 -4.79 -3.33
N GLU A 17 8.18 -5.63 -2.97
CA GLU A 17 8.15 -6.23 -1.64
C GLU A 17 9.49 -6.90 -1.32
N GLY A 18 9.99 -6.66 -0.12
CA GLY A 18 11.26 -7.24 0.29
C GLY A 18 12.35 -6.21 0.46
N GLU A 19 12.27 -5.13 -0.34
CA GLU A 19 13.27 -4.07 -0.28
C GLU A 19 12.99 -3.14 0.89
N PHE A 20 14.06 -2.63 1.50
CA PHE A 20 13.95 -1.73 2.64
C PHE A 20 13.58 -0.32 2.17
N CYS A 21 12.95 0.44 3.07
CA CYS A 21 12.54 1.80 2.75
C CYS A 21 13.66 2.79 3.10
N SER A 22 13.40 4.08 2.85
CA SER A 22 14.38 5.12 3.14
C SER A 22 14.16 5.69 4.53
N LYS A 23 15.16 6.41 5.03
CA LYS A 23 15.08 7.02 6.36
C LYS A 23 14.27 8.31 6.32
N SER A 24 14.20 8.92 5.14
CA SER A 24 13.46 10.17 4.97
C SER A 24 11.96 9.92 5.10
N GLY A 25 11.55 8.66 4.94
CA GLY A 25 10.15 8.31 5.05
C GLY A 25 9.55 7.96 3.70
N VAL A 26 10.38 7.43 2.80
CA VAL A 26 9.92 7.06 1.47
C VAL A 26 8.88 5.94 1.55
N ASP A 27 7.88 6.02 0.68
CA ASP A 27 6.81 5.01 0.65
C ASP A 27 7.04 4.03 -0.49
N CYS A 28 6.95 2.73 -0.18
CA CYS A 28 7.14 1.69 -1.18
C CYS A 28 6.22 1.91 -2.37
N CYS A 29 6.48 1.18 -3.45
CA CYS A 29 5.68 1.29 -4.66
C CYS A 29 4.19 1.15 -4.35
N ALA A 30 3.35 1.45 -5.32
CA ALA A 30 1.91 1.35 -5.15
C ALA A 30 1.49 -0.07 -4.79
N GLY A 31 0.92 -0.22 -3.59
CA GLY A 31 0.49 -1.53 -3.15
C GLY A 31 1.51 -2.19 -2.23
N LEU A 32 2.37 -1.38 -1.62
CA LEU A 32 3.40 -1.90 -0.73
C LEU A 32 3.47 -1.07 0.55
N SER A 33 3.83 -1.73 1.65
CA SER A 33 3.94 -1.04 2.94
C SER A 33 5.23 -1.42 3.64
N CYS A 34 5.80 -0.47 4.38
CA CYS A 34 7.05 -0.69 5.10
C CYS A 34 6.80 -1.49 6.37
N ARG A 35 6.31 -2.71 6.21
CA ARG A 35 6.03 -3.58 7.34
C ARG A 35 7.24 -3.69 8.26
N LYS A 36 7.05 -3.32 9.52
CA LYS A 36 8.14 -3.38 10.50
C LYS A 36 8.35 -4.80 11.00
N TYR A 37 9.59 -5.26 10.96
CA TYR A 37 9.92 -6.60 11.41
C TYR A 37 11.04 -6.58 12.44
N ASN A 38 12.01 -5.68 12.23
CA ASN A 38 13.14 -5.55 13.14
C ASN A 38 12.74 -4.80 14.41
N LEU A 39 13.67 -4.69 15.35
CA LEU A 39 13.40 -3.99 16.61
C LEU A 39 13.60 -2.49 16.45
N MET A 40 14.70 -2.12 15.80
CA MET A 40 15.01 -0.71 15.58
C MET A 40 14.00 -0.07 14.62
N GLY A 41 13.39 -0.90 13.78
CA GLY A 41 12.42 -0.40 12.82
C GLY A 41 12.91 -0.49 11.39
N TYR A 42 13.68 -1.53 11.10
CA TYR A 42 14.23 -1.73 9.76
C TYR A 42 13.29 -2.58 8.91
N GLY A 43 12.01 -2.26 8.95
CA GLY A 43 11.02 -3.01 8.18
C GLY A 43 11.32 -2.98 6.70
N VAL A 44 10.48 -3.66 5.92
CA VAL A 44 10.65 -3.72 4.47
C VAL A 44 9.30 -3.73 3.76
N CYS A 45 9.32 -3.44 2.47
CA CYS A 45 8.10 -3.43 1.67
C CYS A 45 7.35 -4.75 1.78
N ALA A 46 6.03 -4.69 1.72
CA ALA A 46 5.19 -5.87 1.82
C ALA A 46 3.82 -5.64 1.20
N ALA A 47 3.50 -6.44 0.19
CA ALA A 47 2.21 -6.32 -0.50
C ALA A 47 1.06 -6.45 0.48
N GLN A 48 0.28 -5.38 0.62
CA GLN A 48 -0.86 -5.38 1.54
C GLN A 48 -1.77 -6.58 1.27
N THR A 49 -2.61 -6.90 2.25
CA THR A 49 -3.54 -8.02 2.11
C THR A 49 -4.98 -7.54 2.08
N CYS A 50 -5.26 -6.46 2.79
CA CYS A 50 -6.60 -5.90 2.84
C CYS A 50 -7.04 -5.40 1.47
N SER A 51 -8.34 -5.45 1.21
CA SER A 51 -8.87 -5.01 -0.08
C SER A 51 -8.99 -3.49 -0.12
N GLU A 52 -8.63 -2.90 -1.25
CA GLU A 52 -8.70 -1.45 -1.42
C GLU A 52 -10.14 -0.98 -1.53
N GLU A 53 -10.33 0.33 -1.48
CA GLU A 53 -11.67 0.90 -1.58
C GLU A 53 -12.17 0.88 -3.02
N GLY A 54 -13.40 0.42 -3.21
CA GLY A 54 -13.97 0.35 -4.54
C GLY A 54 -13.86 -1.04 -5.15
N THR A 55 -12.91 -1.82 -4.67
CA THR A 55 -12.70 -3.17 -5.17
C THR A 55 -13.79 -4.11 -4.68
N PHE A 56 -14.22 -5.02 -5.55
CA PHE A 56 -15.25 -5.99 -5.21
C PHE A 56 -14.83 -6.85 -4.02
N CYS A 57 -15.77 -7.13 -3.12
CA CYS A 57 -15.50 -7.94 -1.95
C CYS A 57 -16.70 -8.79 -1.56
N SER A 58 -16.53 -9.66 -0.58
CA SER A 58 -17.61 -10.52 -0.12
C SER A 58 -18.46 -9.82 0.93
N LEU A 59 -19.69 -9.49 0.56
CA LEU A 59 -20.61 -8.82 1.47
C LEU A 59 -20.89 -9.67 2.71
N SER A 60 -20.83 -10.99 2.53
CA SER A 60 -21.07 -11.92 3.63
C SER A 60 -19.96 -11.83 4.66
N ASP A 61 -18.77 -11.45 4.23
CA ASP A 61 -17.63 -11.32 5.12
C ASP A 61 -16.66 -10.26 4.60
N SER A 62 -16.75 -9.06 5.18
CA SER A 62 -15.88 -7.96 4.78
C SER A 62 -14.42 -8.39 4.79
N ASP A 63 -13.68 -7.96 3.77
CA ASP A 63 -12.26 -8.30 3.65
C ASP A 63 -11.45 -7.09 3.18
N CYS A 64 -11.88 -5.90 3.59
CA CYS A 64 -11.20 -4.67 3.21
C CYS A 64 -10.30 -4.18 4.34
N CYS A 65 -9.71 -3.00 4.15
CA CYS A 65 -8.82 -2.42 5.15
C CYS A 65 -9.63 -1.74 6.25
N SER A 66 -8.94 -0.95 7.07
CA SER A 66 -9.60 -0.23 8.16
C SER A 66 -10.34 1.00 7.65
N GLY A 67 -11.66 0.96 7.77
CA GLY A 67 -12.48 2.07 7.31
C GLY A 67 -13.17 1.79 5.99
N LEU A 68 -13.26 0.51 5.63
CA LEU A 68 -13.90 0.11 4.38
C LEU A 68 -14.97 -0.94 4.64
N LYS A 69 -16.18 -0.67 4.14
CA LYS A 69 -17.29 -1.61 4.32
C LYS A 69 -17.84 -2.05 2.96
N CYS A 70 -17.96 -3.36 2.78
CA CYS A 70 -18.47 -3.92 1.53
C CYS A 70 -19.94 -3.56 1.34
N LYS A 71 -20.20 -2.61 0.45
CA LYS A 71 -21.57 -2.18 0.17
C LYS A 71 -22.10 -2.85 -1.09
N ARG A 72 -23.11 -3.69 -0.94
CA ARG A 72 -23.71 -4.38 -2.07
C ARG A 72 -24.00 -3.42 -3.21
N ARG A 73 -23.45 -3.71 -4.38
CA ARG A 73 -23.65 -2.86 -5.56
C ARG A 73 -24.03 -3.69 -6.77
N GLY A 74 -25.32 -3.97 -6.91
CA GLY A 74 -25.79 -4.77 -8.04
C GLY A 74 -26.89 -5.74 -7.64
N HIS A 75 -26.51 -6.99 -7.40
CA HIS A 75 -27.48 -8.01 -7.02
C HIS A 75 -26.78 -9.22 -6.40
N GLY A 76 -26.33 -9.07 -5.17
CA GLY A 76 -25.64 -10.14 -4.48
C GLY A 76 -24.14 -9.99 -4.51
N TYR A 77 -23.68 -8.80 -4.87
CA TYR A 77 -22.25 -8.52 -4.95
C TYR A 77 -21.97 -7.03 -4.75
N GLY A 78 -20.93 -6.74 -3.98
CA GLY A 78 -20.56 -5.36 -3.71
C GLY A 78 -19.06 -5.16 -3.58
N GLU A 79 -18.65 -3.90 -3.45
CA GLU A 79 -17.23 -3.59 -3.31
C GLU A 79 -16.98 -2.75 -2.05
N CYS A 80 -15.70 -2.57 -1.72
CA CYS A 80 -15.32 -1.80 -0.54
C CYS A 80 -15.75 -0.33 -0.69
N SER A 81 -16.10 0.29 0.42
CA SER A 81 -16.53 1.68 0.42
C SER A 81 -16.17 2.37 1.73
N LYS A 82 -15.65 3.59 1.63
CA LYS A 82 -15.27 4.35 2.81
C LYS A 82 -16.49 4.74 3.63
#